data_7RI0
#
_entry.id   7RI0
#
_cell.length_a   67.858
_cell.length_b   84.154
_cell.length_c   84.909
_cell.angle_alpha   90.000
_cell.angle_beta   98.040
_cell.angle_gamma   90.000
#
_symmetry.space_group_name_H-M   'P 1 21 1'
#
loop_
_entity.id
_entity.type
_entity.pdbx_description
1 polymer Enolase
2 non-polymer 'MAGNESIUM ION'
3 non-polymer '2-PHOSPHOGLYCERIC ACID'
4 non-polymer PHOSPHOENOLPYRUVATE
5 water water
#
_entity_poly.entity_id   1
_entity_poly.type   'polypeptide(L)'
_entity_poly.pdbx_seq_one_letter_code
;MAHHHHHHGSMPISKIHARSVYDSRGNPTVEVDVVTETGLHRAIVPSGASTGQHEAHELRDGDKTQWGGKGVLKAVKNVN
ETIGPALIKENIDVKDQSKVDEFLNKLDGTANKSNLGANAILGVSLAVAKAGAAEKGVPLYAHISDLAGTKKPYVLPVPF
QNVLNGGSHAGGRLAFQEFMIVPDSAPSFSEALRQGAEVYQKLKALAKKKYGQSAGNVGDEGGVAPDIQTAEEALDLITE
AIEQAGYTGKIKIAMDVASSEFYKADVKKYDLDFKNPESDPSKWLTYEQLADLYKSLAAKYPIVSIEDPFAEDDWEAWSY
FYKTSDFQIVGDDLTVTNPGRIKKAIELKSCNALLLKVNQIGTLTESIQAAKDSYADNWGVMVSHRSGETEDVTIADIAV
GLRSGQIKTGAPCRSERLAKLNQILRIEEELGENAVYAGSKFRTAVNL
;
_entity_poly.pdbx_strand_id   A,B
#
loop_
_chem_comp.id
_chem_comp.type
_chem_comp.name
_chem_comp.formula
2PG non-polymer '2-PHOSPHOGLYCERIC ACID' 'C3 H7 O7 P'
MG non-polymer 'MAGNESIUM ION' 'Mg 2'
PEP non-polymer PHOSPHOENOLPYRUVATE 'C3 H5 O6 P'
#
# COMPACT_ATOMS: atom_id res chain seq x y z
N PRO A 12 -4.51 -28.59 17.72
CA PRO A 12 -3.66 -28.94 16.57
C PRO A 12 -3.95 -28.07 15.35
N ILE A 13 -3.29 -28.38 14.23
CA ILE A 13 -3.48 -27.66 12.98
C ILE A 13 -4.48 -28.44 12.12
N SER A 14 -5.51 -27.75 11.63
CA SER A 14 -6.51 -28.38 10.79
C SER A 14 -6.31 -28.15 9.30
N LYS A 15 -5.72 -27.02 8.91
CA LYS A 15 -5.49 -26.75 7.50
C LYS A 15 -4.31 -25.80 7.32
N ILE A 16 -3.49 -26.09 6.32
CA ILE A 16 -2.38 -25.23 5.91
C ILE A 16 -2.49 -25.05 4.40
N HIS A 17 -2.86 -23.84 3.97
CA HIS A 17 -3.09 -23.54 2.57
C HIS A 17 -2.29 -22.31 2.15
N ALA A 18 -1.77 -22.34 0.93
CA ALA A 18 -0.99 -21.25 0.37
C ALA A 18 -1.58 -20.82 -0.97
N ARG A 19 -1.44 -19.53 -1.27
CA ARG A 19 -1.92 -18.97 -2.53
C ARG A 19 -0.92 -17.92 -2.99
N SER A 20 -1.17 -17.38 -4.18
CA SER A 20 -0.33 -16.36 -4.77
C SER A 20 -1.03 -15.00 -4.68
N VAL A 21 -0.34 -14.01 -4.13
CA VAL A 21 -0.82 -12.64 -4.09
C VAL A 21 0.26 -11.74 -4.65
N TYR A 22 -0.09 -10.48 -4.89
CA TYR A 22 0.80 -9.52 -5.51
C TYR A 22 1.38 -8.56 -4.47
N ASP A 23 2.68 -8.28 -4.59
CA ASP A 23 3.34 -7.37 -3.67
C ASP A 23 3.18 -5.93 -4.16
N SER A 24 3.76 -4.98 -3.43
CA SER A 24 3.60 -3.57 -3.74
C SER A 24 4.24 -3.16 -5.06
N ARG A 25 5.02 -4.04 -5.69
CA ARG A 25 5.58 -3.77 -7.00
C ARG A 25 4.81 -4.43 -8.14
N GLY A 26 3.81 -5.26 -7.83
CA GLY A 26 3.06 -5.95 -8.85
C GLY A 26 3.58 -7.33 -9.20
N ASN A 27 4.46 -7.89 -8.39
CA ASN A 27 5.03 -9.22 -8.59
C ASN A 27 4.40 -10.21 -7.63
N PRO A 28 4.23 -11.47 -8.04
CA PRO A 28 3.61 -12.46 -7.16
C PRO A 28 4.49 -12.77 -5.97
N THR A 29 3.84 -13.12 -4.86
CA THR A 29 4.51 -13.59 -3.66
C THR A 29 3.62 -14.60 -2.98
N VAL A 30 4.12 -15.17 -1.88
CA VAL A 30 3.48 -16.29 -1.22
C VAL A 30 2.70 -15.80 0.00
N GLU A 31 1.46 -16.25 0.13
CA GLU A 31 0.66 -16.03 1.32
C GLU A 31 0.18 -17.37 1.83
N VAL A 32 0.31 -17.59 3.14
CA VAL A 32 -0.01 -18.87 3.75
C VAL A 32 -1.09 -18.67 4.81
N ASP A 33 -2.08 -19.56 4.81
CA ASP A 33 -3.09 -19.62 5.85
C ASP A 33 -2.84 -20.83 6.73
N VAL A 34 -2.99 -20.64 8.05
CA VAL A 34 -2.92 -21.73 9.02
C VAL A 34 -4.14 -21.60 9.92
N VAL A 35 -4.97 -22.64 9.95
CA VAL A 35 -6.21 -22.65 10.69
C VAL A 35 -6.08 -23.57 11.90
N THR A 36 -6.39 -23.05 13.08
CA THR A 36 -6.44 -23.85 14.29
C THR A 36 -7.81 -23.69 14.93
N GLU A 37 -7.93 -24.07 16.21
CA GLU A 37 -9.20 -23.89 16.90
C GLU A 37 -9.53 -22.42 17.11
N THR A 38 -8.52 -21.56 17.17
CA THR A 38 -8.72 -20.13 17.37
C THR A 38 -9.02 -19.39 16.08
N GLY A 39 -9.01 -20.06 14.93
CA GLY A 39 -9.36 -19.42 13.68
C GLY A 39 -8.26 -19.43 12.64
N LEU A 40 -8.39 -18.58 11.63
CA LEU A 40 -7.41 -18.51 10.56
C LEU A 40 -6.29 -17.56 10.92
N HIS A 41 -5.06 -17.94 10.57
CA HIS A 41 -3.87 -17.13 10.82
C HIS A 41 -3.08 -17.05 9.53
N ARG A 42 -2.78 -15.81 9.10
CA ARG A 42 -2.33 -15.55 7.74
C ARG A 42 -1.06 -14.71 7.76
N ALA A 43 -0.17 -14.98 6.79
CA ALA A 43 1.08 -14.25 6.66
C ALA A 43 1.49 -14.22 5.20
N ILE A 44 2.12 -13.12 4.78
CA ILE A 44 2.58 -12.93 3.42
C ILE A 44 4.09 -12.70 3.45
N VAL A 45 4.78 -13.30 2.49
CA VAL A 45 6.24 -13.20 2.42
C VAL A 45 6.62 -11.98 1.61
N PRO A 46 7.54 -11.15 2.09
CA PRO A 46 8.03 -10.00 1.31
C PRO A 46 9.03 -10.46 0.25
N SER A 47 9.53 -9.48 -0.52
CA SER A 47 10.49 -9.77 -1.58
C SER A 47 11.36 -8.56 -1.82
N GLY A 48 12.67 -8.77 -1.93
CA GLY A 48 13.62 -7.69 -2.08
C GLY A 48 14.01 -7.43 -3.53
N ALA A 49 14.44 -6.19 -3.78
CA ALA A 49 15.04 -5.82 -5.06
C ALA A 49 16.55 -5.73 -4.97
N SER A 50 17.07 -4.98 -4.00
CA SER A 50 18.51 -4.92 -3.73
C SER A 50 18.91 -6.07 -2.81
N THR A 51 18.68 -7.29 -3.31
CA THR A 51 19.02 -8.49 -2.55
C THR A 51 20.53 -8.69 -2.49
N GLY A 52 20.97 -9.39 -1.44
CA GLY A 52 22.35 -9.79 -1.33
C GLY A 52 22.62 -11.14 -1.98
N GLN A 53 23.91 -11.46 -2.11
CA GLN A 53 24.29 -12.74 -2.69
C GLN A 53 24.17 -13.89 -1.70
N HIS A 54 24.23 -13.63 -0.40
CA HIS A 54 24.21 -14.67 0.62
C HIS A 54 22.84 -14.85 1.26
N GLU A 55 21.81 -14.19 0.74
CA GLU A 55 20.47 -14.36 1.28
C GLU A 55 19.95 -15.78 1.03
N ALA A 56 18.90 -16.14 1.76
CA ALA A 56 18.25 -17.41 1.54
C ALA A 56 17.65 -17.47 0.14
N HIS A 57 17.56 -18.68 -0.41
CA HIS A 57 17.15 -18.87 -1.79
C HIS A 57 15.64 -18.66 -1.93
N GLU A 58 15.25 -17.67 -2.72
CA GLU A 58 13.85 -17.40 -3.00
C GLU A 58 13.47 -18.13 -4.28
N LEU A 59 12.51 -19.05 -4.18
CA LEU A 59 12.13 -19.91 -5.29
C LEU A 59 11.17 -19.18 -6.22
N ARG A 60 11.57 -19.02 -7.48
CA ARG A 60 10.74 -18.44 -8.52
C ARG A 60 10.48 -19.49 -9.61
N ASP A 61 9.37 -19.33 -10.32
CA ASP A 61 8.99 -20.31 -11.33
C ASP A 61 9.94 -20.28 -12.53
N GLY A 62 10.33 -19.10 -12.98
CA GLY A 62 11.18 -18.99 -14.15
C GLY A 62 10.46 -19.17 -15.47
N ASP A 63 9.13 -19.19 -15.48
CA ASP A 63 8.35 -19.26 -16.72
C ASP A 63 8.25 -17.86 -17.29
N LYS A 64 9.04 -17.57 -18.31
CA LYS A 64 9.10 -16.21 -18.85
C LYS A 64 7.82 -15.76 -19.53
N THR A 65 6.84 -16.64 -19.71
CA THR A 65 5.55 -16.27 -20.26
C THR A 65 4.53 -15.92 -19.18
N GLN A 66 4.88 -16.07 -17.90
CA GLN A 66 3.98 -15.78 -16.79
C GLN A 66 4.68 -14.88 -15.79
N TRP A 67 4.17 -13.65 -15.63
CA TRP A 67 4.74 -12.67 -14.71
C TRP A 67 6.21 -12.39 -14.98
N GLY A 68 6.63 -12.58 -16.23
CA GLY A 68 8.02 -12.37 -16.57
C GLY A 68 8.97 -13.34 -15.92
N GLY A 69 8.48 -14.50 -15.51
CA GLY A 69 9.30 -15.48 -14.81
C GLY A 69 9.33 -15.34 -13.32
N LYS A 70 8.50 -14.47 -12.73
CA LYS A 70 8.52 -14.20 -11.30
C LYS A 70 7.34 -14.83 -10.56
N GLY A 71 6.73 -15.86 -11.13
CA GLY A 71 5.67 -16.56 -10.44
C GLY A 71 6.19 -17.37 -9.27
N VAL A 72 5.28 -17.71 -8.36
CA VAL A 72 5.62 -18.48 -7.17
C VAL A 72 4.70 -19.69 -7.06
N LEU A 73 4.23 -20.19 -8.21
CA LEU A 73 3.33 -21.34 -8.19
C LEU A 73 4.00 -22.57 -7.61
N LYS A 74 5.30 -22.73 -7.85
N LYS A 74 5.30 -22.73 -7.87
CA LYS A 74 6.02 -23.88 -7.29
CA LYS A 74 6.04 -23.86 -7.29
C LYS A 74 6.22 -23.73 -5.79
C LYS A 74 6.18 -23.71 -5.79
N ALA A 75 6.53 -22.52 -5.32
CA ALA A 75 6.67 -22.30 -3.89
C ALA A 75 5.32 -22.46 -3.18
N VAL A 76 4.24 -21.99 -3.81
CA VAL A 76 2.90 -22.21 -3.25
C VAL A 76 2.58 -23.70 -3.21
N LYS A 77 2.92 -24.42 -4.28
CA LYS A 77 2.65 -25.85 -4.32
C LYS A 77 3.45 -26.58 -3.24
N ASN A 78 4.70 -26.17 -3.02
CA ASN A 78 5.53 -26.82 -1.99
C ASN A 78 4.89 -26.71 -0.61
N VAL A 79 4.15 -25.63 -0.35
CA VAL A 79 3.45 -25.51 0.92
C VAL A 79 2.23 -26.43 0.94
N ASN A 80 1.44 -26.44 -0.13
CA ASN A 80 0.19 -27.18 -0.14
C ASN A 80 0.39 -28.69 -0.23
N GLU A 81 1.42 -29.15 -0.94
CA GLU A 81 1.60 -30.58 -1.19
C GLU A 81 2.70 -31.22 -0.34
N THR A 82 3.68 -30.44 0.11
CA THR A 82 4.81 -31.00 0.87
C THR A 82 4.83 -30.51 2.31
N ILE A 83 5.01 -29.20 2.53
CA ILE A 83 5.20 -28.70 3.88
C ILE A 83 3.93 -28.82 4.71
N GLY A 84 2.79 -28.48 4.12
CA GLY A 84 1.51 -28.54 4.80
C GLY A 84 1.19 -29.89 5.39
N PRO A 85 1.09 -30.92 4.53
CA PRO A 85 0.79 -32.27 5.05
C PRO A 85 1.84 -32.80 6.01
N ALA A 86 3.10 -32.41 5.85
CA ALA A 86 4.16 -32.92 6.72
C ALA A 86 4.05 -32.33 8.12
N LEU A 87 3.76 -31.03 8.23
CA LEU A 87 3.68 -30.41 9.55
C LEU A 87 2.43 -30.85 10.30
N ILE A 88 1.32 -31.05 9.58
CA ILE A 88 0.10 -31.50 10.23
C ILE A 88 0.28 -32.87 10.86
N LYS A 89 0.92 -33.79 10.13
CA LYS A 89 1.14 -35.13 10.65
C LYS A 89 2.10 -35.14 11.83
N GLU A 90 3.07 -34.23 11.85
CA GLU A 90 4.03 -34.20 12.94
C GLU A 90 3.38 -33.78 14.26
N ASN A 91 2.29 -33.01 14.19
CA ASN A 91 1.49 -32.64 15.36
C ASN A 91 2.33 -31.91 16.41
N ILE A 92 3.00 -30.85 15.99
CA ILE A 92 3.84 -30.04 16.86
C ILE A 92 2.98 -28.96 17.51
N ASP A 93 3.25 -28.70 18.79
CA ASP A 93 2.60 -27.60 19.48
C ASP A 93 2.87 -26.29 18.75
N VAL A 94 1.80 -25.57 18.42
CA VAL A 94 1.91 -24.34 17.65
C VAL A 94 2.65 -23.25 18.42
N LYS A 95 2.73 -23.37 19.74
CA LYS A 95 3.47 -22.39 20.54
C LYS A 95 4.98 -22.63 20.52
N ASP A 96 5.43 -23.85 20.23
CA ASP A 96 6.87 -24.15 20.20
C ASP A 96 7.40 -23.77 18.82
N GLN A 97 7.65 -22.48 18.64
CA GLN A 97 8.14 -21.98 17.35
C GLN A 97 9.46 -22.63 16.96
N SER A 98 10.31 -22.94 17.94
CA SER A 98 11.62 -23.52 17.66
C SER A 98 11.49 -24.89 17.01
N LYS A 99 10.63 -25.75 17.57
CA LYS A 99 10.43 -27.07 16.99
C LYS A 99 9.78 -26.99 15.62
N VAL A 100 8.89 -26.02 15.42
CA VAL A 100 8.26 -25.85 14.11
C VAL A 100 9.31 -25.47 13.08
N ASP A 101 10.12 -24.45 13.38
CA ASP A 101 11.13 -24.01 12.43
C ASP A 101 12.24 -25.04 12.25
N GLU A 102 12.57 -25.77 13.31
CA GLU A 102 13.52 -26.89 13.16
C GLU A 102 12.95 -27.96 12.23
N PHE A 103 11.64 -28.24 12.35
CA PHE A 103 11.01 -29.23 11.51
C PHE A 103 10.93 -28.76 10.05
N LEU A 104 10.72 -27.46 9.84
CA LEU A 104 10.67 -26.94 8.47
C LEU A 104 12.03 -27.04 7.80
N ASN A 105 13.11 -26.79 8.55
CA ASN A 105 14.44 -26.94 7.99
C ASN A 105 14.81 -28.40 7.76
N LYS A 106 14.26 -29.31 8.57
CA LYS A 106 14.50 -30.73 8.34
C LYS A 106 13.91 -31.19 7.01
N LEU A 107 12.74 -30.68 6.64
CA LEU A 107 12.14 -31.04 5.36
C LEU A 107 12.94 -30.49 4.20
N ASP A 108 13.39 -29.24 4.29
CA ASP A 108 14.16 -28.65 3.21
C ASP A 108 15.54 -29.27 3.11
N GLY A 109 16.21 -29.47 4.24
CA GLY A 109 17.46 -30.19 4.27
C GLY A 109 18.64 -29.50 3.64
N THR A 110 18.50 -28.24 3.22
CA THR A 110 19.59 -27.51 2.60
C THR A 110 19.91 -26.27 3.44
N ALA A 111 21.15 -25.78 3.30
CA ALA A 111 21.59 -24.68 4.13
C ALA A 111 20.93 -23.36 3.72
N ASN A 112 20.84 -23.10 2.41
CA ASN A 112 20.29 -21.87 1.89
C ASN A 112 18.79 -21.96 1.63
N LYS A 113 18.12 -23.01 2.12
CA LYS A 113 16.69 -23.23 1.91
C LYS A 113 16.33 -23.24 0.42
N SER A 114 17.24 -23.75 -0.40
CA SER A 114 16.98 -23.83 -1.84
C SER A 114 15.81 -24.76 -2.13
N ASN A 115 15.86 -25.96 -1.60
CA ASN A 115 14.96 -27.07 -1.94
C ASN A 115 13.50 -26.66 -2.02
N LEU A 116 12.86 -26.45 -0.86
CA LEU A 116 11.45 -26.12 -0.86
C LEU A 116 11.18 -24.64 -1.06
N GLY A 117 12.21 -23.79 -1.00
CA GLY A 117 12.02 -22.37 -1.18
C GLY A 117 11.92 -21.62 0.14
N ALA A 118 12.76 -20.60 0.33
CA ALA A 118 12.68 -19.81 1.55
C ALA A 118 11.36 -19.05 1.66
N ASN A 119 10.79 -18.63 0.53
CA ASN A 119 9.49 -17.96 0.57
C ASN A 119 8.38 -18.93 0.93
N ALA A 120 8.55 -20.22 0.60
CA ALA A 120 7.60 -21.22 1.05
C ALA A 120 7.76 -21.52 2.54
N ILE A 121 8.99 -21.57 3.02
CA ILE A 121 9.24 -21.89 4.43
C ILE A 121 8.80 -20.73 5.32
N LEU A 122 9.12 -19.50 4.93
CA LEU A 122 8.85 -18.35 5.80
C LEU A 122 7.35 -18.15 6.00
N GLY A 123 6.56 -18.35 4.94
CA GLY A 123 5.12 -18.17 5.06
C GLY A 123 4.50 -19.07 6.09
N VAL A 124 4.93 -20.34 6.13
CA VAL A 124 4.42 -21.26 7.15
C VAL A 124 4.94 -20.87 8.52
N SER A 125 6.20 -20.46 8.60
CA SER A 125 6.81 -20.09 9.88
C SER A 125 6.11 -18.90 10.51
N LEU A 126 5.80 -17.88 9.71
CA LEU A 126 5.16 -16.69 10.26
C LEU A 126 3.69 -16.93 10.58
N ALA A 127 3.01 -17.76 9.78
CA ALA A 127 1.61 -18.04 10.05
C ALA A 127 1.45 -18.90 11.29
N VAL A 128 2.31 -19.90 11.47
CA VAL A 128 2.29 -20.71 12.68
C VAL A 128 2.57 -19.84 13.91
N ALA A 129 3.45 -18.85 13.77
CA ALA A 129 3.76 -17.97 14.89
C ALA A 129 2.52 -17.19 15.33
N LYS A 130 1.74 -16.69 14.37
CA LYS A 130 0.49 -16.02 14.72
C LYS A 130 -0.52 -16.99 15.32
N ALA A 131 -0.53 -18.24 14.84
CA ALA A 131 -1.39 -19.24 15.45
C ALA A 131 -0.93 -19.59 16.86
N GLY A 132 0.39 -19.60 17.10
CA GLY A 132 0.87 -19.87 18.44
C GLY A 132 0.52 -18.76 19.41
N ALA A 133 0.59 -17.51 18.97
CA ALA A 133 0.21 -16.39 19.82
C ALA A 133 -1.27 -16.45 20.19
N ALA A 134 -2.13 -16.82 19.23
CA ALA A 134 -3.55 -16.85 19.49
C ALA A 134 -3.93 -17.92 20.51
N GLU A 135 -3.24 -19.07 20.48
CA GLU A 135 -3.48 -20.09 21.50
C GLU A 135 -3.10 -19.57 22.88
N LYS A 136 -2.00 -18.81 22.97
CA LYS A 136 -1.65 -18.17 24.23
C LYS A 136 -2.66 -17.13 24.67
N GLY A 137 -3.45 -16.60 23.73
CA GLY A 137 -4.35 -15.51 24.06
C GLY A 137 -3.67 -14.16 24.14
N VAL A 138 -2.53 -13.98 23.49
CA VAL A 138 -1.79 -12.72 23.55
C VAL A 138 -1.50 -12.28 22.12
N PRO A 139 -1.23 -11.00 21.92
CA PRO A 139 -0.80 -10.52 20.60
C PRO A 139 0.55 -11.10 20.22
N LEU A 140 0.86 -10.99 18.93
CA LEU A 140 2.08 -11.61 18.40
C LEU A 140 3.34 -11.02 19.03
N TYR A 141 3.35 -9.71 19.28
CA TYR A 141 4.54 -9.09 19.87
C TYR A 141 4.82 -9.63 21.26
N ALA A 142 3.78 -10.00 22.01
CA ALA A 142 3.98 -10.62 23.31
C ALA A 142 4.54 -12.03 23.16
N HIS A 143 3.99 -12.81 22.23
CA HIS A 143 4.51 -14.15 21.98
C HIS A 143 5.95 -14.10 21.50
N ILE A 144 6.30 -13.11 20.68
CA ILE A 144 7.67 -12.99 20.21
C ILE A 144 8.59 -12.60 21.37
N SER A 145 8.13 -11.72 22.26
CA SER A 145 8.92 -11.38 23.44
C SER A 145 9.21 -12.61 24.29
N ASP A 146 8.24 -13.54 24.37
CA ASP A 146 8.50 -14.80 25.07
C ASP A 146 9.57 -15.62 24.35
N LEU A 147 9.49 -15.69 23.03
CA LEU A 147 10.45 -16.48 22.27
C LEU A 147 11.85 -15.87 22.34
N ALA A 148 11.93 -14.54 22.36
CA ALA A 148 13.22 -13.86 22.35
C ALA A 148 13.78 -13.63 23.76
N GLY A 149 12.97 -13.84 24.80
CA GLY A 149 13.44 -13.57 26.14
C GLY A 149 13.63 -12.11 26.47
N THR A 150 12.93 -11.22 25.78
CA THR A 150 13.05 -9.80 26.04
C THR A 150 12.20 -9.39 27.23
N LYS A 151 12.71 -8.44 28.00
CA LYS A 151 12.06 -8.03 29.24
C LYS A 151 10.98 -6.99 28.98
N LYS A 152 10.21 -6.70 30.01
CA LYS A 152 9.18 -5.67 30.04
C LYS A 152 9.70 -4.43 30.74
N PRO A 153 9.09 -3.25 30.49
CA PRO A 153 7.95 -2.98 29.60
C PRO A 153 8.31 -3.06 28.13
N TYR A 154 7.30 -3.12 27.27
CA TYR A 154 7.55 -3.16 25.84
C TYR A 154 8.12 -1.83 25.37
N VAL A 155 8.97 -1.90 24.35
CA VAL A 155 9.62 -0.73 23.78
C VAL A 155 9.11 -0.55 22.36
N LEU A 156 8.55 0.62 22.09
CA LEU A 156 8.11 0.89 20.72
C LEU A 156 9.29 1.44 19.90
N PRO A 157 9.39 1.04 18.63
CA PRO A 157 10.57 1.39 17.85
C PRO A 157 10.52 2.80 17.30
N VAL A 158 11.72 3.37 17.11
CA VAL A 158 11.88 4.62 16.38
C VAL A 158 11.69 4.32 14.90
N PRO A 159 10.75 4.96 14.22
CA PRO A 159 10.53 4.70 12.78
C PRO A 159 11.56 5.43 11.92
N PHE A 160 12.42 4.65 11.26
CA PHE A 160 13.40 5.18 10.31
C PHE A 160 12.71 5.27 8.96
N GLN A 161 12.32 6.48 8.57
CA GLN A 161 11.42 6.69 7.44
C GLN A 161 12.24 7.15 6.23
N ASN A 162 12.29 6.30 5.20
CA ASN A 162 13.04 6.56 3.96
C ASN A 162 12.22 7.52 3.11
N VAL A 163 12.43 8.82 3.34
CA VAL A 163 11.62 9.85 2.70
C VAL A 163 12.13 10.29 1.34
N LEU A 164 13.37 9.95 0.99
CA LEU A 164 13.95 10.34 -0.31
C LEU A 164 14.64 9.11 -0.88
N ASN A 165 13.95 8.43 -1.79
CA ASN A 165 14.45 7.17 -2.34
C ASN A 165 15.48 7.42 -3.44
N GLY A 166 16.34 6.43 -3.63
CA GLY A 166 17.35 6.49 -4.66
C GLY A 166 17.85 5.10 -4.95
N GLY A 167 18.99 5.04 -5.64
CA GLY A 167 19.57 3.75 -5.96
C GLY A 167 18.63 2.90 -6.80
N SER A 168 18.60 1.60 -6.52
CA SER A 168 17.76 0.65 -7.23
C SER A 168 16.30 0.71 -6.82
N HIS A 169 15.91 1.69 -5.99
CA HIS A 169 14.53 1.84 -5.56
C HIS A 169 13.78 2.92 -6.31
N ALA A 170 14.45 3.71 -7.14
CA ALA A 170 13.78 4.79 -7.86
C ALA A 170 14.59 5.15 -9.10
N GLY A 171 13.89 5.72 -10.08
CA GLY A 171 14.54 6.16 -11.30
C GLY A 171 15.17 7.52 -11.12
N GLY A 172 16.46 7.62 -11.40
CA GLY A 172 17.18 8.86 -11.25
C GLY A 172 18.67 8.63 -11.33
N ARG A 173 19.42 9.65 -10.92
CA ARG A 173 20.88 9.62 -10.94
C ARG A 173 21.49 9.54 -9.55
N LEU A 174 20.70 9.27 -8.51
CA LEU A 174 21.18 9.26 -7.14
C LEU A 174 21.72 7.87 -6.80
N ALA A 175 23.00 7.81 -6.42
CA ALA A 175 23.64 6.52 -6.15
C ALA A 175 23.17 5.91 -4.84
N PHE A 176 23.22 6.68 -3.74
CA PHE A 176 22.79 6.15 -2.46
C PHE A 176 21.31 5.77 -2.52
N GLN A 177 20.97 4.69 -1.82
CA GLN A 177 19.64 4.10 -1.94
C GLN A 177 18.60 4.79 -1.06
N GLU A 178 18.87 4.97 0.23
CA GLU A 178 17.85 5.43 1.17
C GLU A 178 18.38 6.59 2.01
N PHE A 179 17.61 7.66 2.07
CA PHE A 179 17.87 8.79 2.96
C PHE A 179 16.70 8.89 3.92
N MET A 180 16.97 8.66 5.21
CA MET A 180 15.93 8.51 6.21
C MET A 180 15.98 9.63 7.24
N ILE A 181 14.82 9.93 7.82
CA ILE A 181 14.71 10.84 8.96
C ILE A 181 14.46 10.02 10.21
N VAL A 182 15.03 10.45 11.33
CA VAL A 182 14.99 9.68 12.57
C VAL A 182 14.34 10.51 13.67
N PRO A 183 13.04 10.38 13.89
CA PRO A 183 12.35 11.15 14.97
C PRO A 183 12.52 10.50 16.35
N ASP A 184 13.68 10.73 16.95
CA ASP A 184 13.98 10.11 18.24
C ASP A 184 13.71 11.03 19.43
N SER A 185 13.74 12.34 19.24
CA SER A 185 13.46 13.26 20.34
C SER A 185 12.00 13.29 20.74
N ALA A 186 11.11 12.80 19.89
CA ALA A 186 9.69 12.85 20.18
C ALA A 186 9.36 12.07 21.45
N PRO A 187 8.38 12.54 22.24
CA PRO A 187 8.07 11.86 23.51
C PRO A 187 7.29 10.57 23.34
N SER A 188 6.75 10.30 22.15
CA SER A 188 5.95 9.11 21.93
C SER A 188 6.15 8.66 20.49
N PHE A 189 5.78 7.40 20.22
CA PHE A 189 5.76 6.92 18.84
C PHE A 189 4.71 7.66 18.03
N SER A 190 3.56 7.95 18.64
CA SER A 190 2.49 8.65 17.92
C SER A 190 2.94 10.04 17.49
N GLU A 191 3.62 10.77 18.37
CA GLU A 191 4.12 12.09 17.99
C GLU A 191 5.26 11.98 16.97
N ALA A 192 6.13 10.99 17.11
CA ALA A 192 7.19 10.80 16.13
C ALA A 192 6.63 10.51 14.75
N LEU A 193 5.49 9.81 14.68
CA LEU A 193 4.87 9.54 13.40
C LEU A 193 4.26 10.80 12.79
N ARG A 194 3.66 11.66 13.63
CA ARG A 194 3.15 12.93 13.12
C ARG A 194 4.29 13.80 12.59
N GLN A 195 5.41 13.84 13.32
CA GLN A 195 6.55 14.65 12.89
C GLN A 195 7.07 14.19 11.53
N GLY A 196 7.20 12.88 11.35
CA GLY A 196 7.66 12.37 10.07
C GLY A 196 6.69 12.67 8.94
N ALA A 197 5.39 12.56 9.20
CA ALA A 197 4.40 12.88 8.17
C ALA A 197 4.44 14.35 7.80
N GLU A 198 4.67 15.22 8.77
CA GLU A 198 4.76 16.65 8.48
C GLU A 198 6.04 17.01 7.74
N VAL A 199 7.16 16.40 8.13
CA VAL A 199 8.41 16.63 7.40
C VAL A 199 8.29 16.09 5.97
N TYR A 200 7.64 14.95 5.81
CA TYR A 200 7.50 14.36 4.48
C TYR A 200 6.70 15.27 3.55
N GLN A 201 5.64 15.91 4.08
CA GLN A 201 4.85 16.82 3.26
C GLN A 201 5.64 18.07 2.88
N LYS A 202 6.51 18.54 3.78
CA LYS A 202 7.38 19.67 3.44
C LYS A 202 8.43 19.26 2.42
N LEU A 203 8.91 18.02 2.49
CA LEU A 203 9.93 17.57 1.55
C LEU A 203 9.36 17.40 0.15
N LYS A 204 8.18 16.81 0.03
CA LYS A 204 7.61 16.54 -1.29
C LYS A 204 7.26 17.83 -2.00
N ALA A 205 6.68 18.80 -1.27
CA ALA A 205 6.41 20.10 -1.87
C ALA A 205 7.70 20.80 -2.26
N LEU A 206 8.75 20.66 -1.45
CA LEU A 206 10.04 21.27 -1.76
C LEU A 206 10.68 20.61 -2.97
N ALA A 207 10.51 19.29 -3.11
CA ALA A 207 11.08 18.59 -4.25
C ALA A 207 10.42 19.02 -5.56
N LYS A 208 9.12 19.28 -5.53
CA LYS A 208 8.43 19.75 -6.73
C LYS A 208 8.87 21.16 -7.10
N LYS A 209 8.97 22.05 -6.11
CA LYS A 209 9.35 23.43 -6.39
C LYS A 209 10.78 23.51 -6.91
N LYS A 210 11.67 22.67 -6.40
CA LYS A 210 13.08 22.75 -6.75
C LYS A 210 13.44 21.92 -7.97
N TYR A 211 12.67 20.88 -8.29
CA TYR A 211 13.03 19.96 -9.36
C TYR A 211 11.87 19.63 -10.30
N GLY A 212 10.76 20.34 -10.20
CA GLY A 212 9.63 20.09 -11.08
C GLY A 212 8.63 19.12 -10.49
N GLN A 213 7.41 19.15 -11.05
CA GLN A 213 6.34 18.29 -10.55
C GLN A 213 6.69 16.81 -10.67
N SER A 214 7.55 16.45 -11.63
CA SER A 214 7.96 15.06 -11.76
C SER A 214 8.71 14.57 -10.53
N ALA A 215 9.36 15.47 -9.79
CA ALA A 215 10.08 15.08 -8.59
C ALA A 215 9.14 14.67 -7.45
N GLY A 216 7.84 14.98 -7.57
CA GLY A 216 6.90 14.58 -6.54
C GLY A 216 6.49 13.12 -6.58
N ASN A 217 6.72 12.44 -7.71
CA ASN A 217 6.46 11.01 -7.77
C ASN A 217 7.38 10.26 -6.81
N VAL A 218 6.94 9.06 -6.42
CA VAL A 218 7.60 8.34 -5.36
C VAL A 218 8.29 7.11 -5.92
N GLY A 219 9.24 6.59 -5.15
CA GLY A 219 9.92 5.35 -5.46
C GLY A 219 9.21 4.15 -4.88
N ASP A 220 9.92 3.03 -4.85
CA ASP A 220 9.32 1.77 -4.41
C ASP A 220 8.92 1.81 -2.93
N GLU A 221 9.59 2.65 -2.13
CA GLU A 221 9.37 2.71 -0.69
C GLU A 221 8.64 3.98 -0.26
N GLY A 222 8.02 4.69 -1.19
CA GLY A 222 7.20 5.83 -0.87
C GLY A 222 7.94 7.15 -0.79
N GLY A 223 9.26 7.16 -0.83
CA GLY A 223 10.00 8.40 -0.75
C GLY A 223 10.05 9.12 -2.10
N VAL A 224 10.17 10.44 -2.03
CA VAL A 224 10.27 11.24 -3.24
C VAL A 224 11.57 10.92 -3.96
N ALA A 225 11.55 11.03 -5.28
CA ALA A 225 12.69 10.70 -6.14
C ALA A 225 13.02 11.89 -7.04
N PRO A 226 13.71 12.89 -6.52
CA PRO A 226 14.22 13.95 -7.40
C PRO A 226 15.45 13.50 -8.15
N ASP A 227 15.62 14.05 -9.35
CA ASP A 227 16.74 13.69 -10.22
C ASP A 227 17.96 14.53 -9.81
N ILE A 228 18.60 14.11 -8.73
CA ILE A 228 19.76 14.80 -8.19
C ILE A 228 20.95 13.85 -8.24
N GLN A 229 22.15 14.44 -8.16
CA GLN A 229 23.40 13.70 -8.36
C GLN A 229 24.02 13.28 -7.03
N THR A 230 24.35 14.24 -6.17
CA THR A 230 25.14 13.96 -4.97
C THR A 230 24.24 13.71 -3.77
N ALA A 231 24.83 13.07 -2.75
CA ALA A 231 24.12 12.87 -1.49
C ALA A 231 24.01 14.18 -0.71
N GLU A 232 24.93 15.12 -0.95
CA GLU A 232 24.83 16.44 -0.32
C GLU A 232 23.55 17.16 -0.74
N GLU A 233 23.12 16.99 -1.99
CA GLU A 233 21.87 17.60 -2.42
C GLU A 233 20.68 17.02 -1.68
N ALA A 234 20.63 15.69 -1.56
CA ALA A 234 19.53 15.05 -0.85
C ALA A 234 19.52 15.46 0.62
N LEU A 235 20.69 15.53 1.24
CA LEU A 235 20.76 15.89 2.66
C LEU A 235 20.34 17.34 2.89
N ASP A 236 20.73 18.24 1.98
CA ASP A 236 20.29 19.63 2.07
C ASP A 236 18.78 19.73 1.91
N LEU A 237 18.21 18.92 1.02
CA LEU A 237 16.75 18.93 0.83
C LEU A 237 16.03 18.45 2.08
N ILE A 238 16.52 17.37 2.68
CA ILE A 238 15.94 16.88 3.93
C ILE A 238 16.13 17.89 5.05
N THR A 239 17.30 18.53 5.10
CA THR A 239 17.56 19.52 6.14
C THR A 239 16.58 20.69 6.04
N GLU A 240 16.33 21.18 4.83
CA GLU A 240 15.41 22.28 4.64
C GLU A 240 13.98 21.88 5.00
N ALA A 241 13.60 20.63 4.69
CA ALA A 241 12.26 20.17 5.03
C ALA A 241 12.07 20.04 6.54
N ILE A 242 13.11 19.59 7.25
CA ILE A 242 13.02 19.50 8.70
C ILE A 242 12.89 20.89 9.31
N GLU A 243 13.60 21.87 8.77
CA GLU A 243 13.51 23.24 9.30
C GLU A 243 12.13 23.84 9.03
N GLN A 244 11.59 23.63 7.82
CA GLN A 244 10.26 24.17 7.52
C GLN A 244 9.21 23.58 8.45
N ALA A 245 9.34 22.30 8.80
CA ALA A 245 8.42 21.66 9.72
C ALA A 245 8.66 22.06 11.17
N GLY A 246 9.79 22.70 11.46
CA GLY A 246 10.04 23.20 12.80
C GLY A 246 10.59 22.18 13.77
N TYR A 247 11.26 21.14 13.27
CA TYR A 247 11.78 20.08 14.13
C TYR A 247 13.29 19.95 14.01
N THR A 248 13.98 21.03 13.65
CA THR A 248 15.43 21.00 13.57
C THR A 248 16.03 20.69 14.94
N GLY A 249 16.95 19.72 14.96
CA GLY A 249 17.56 19.28 16.20
C GLY A 249 16.79 18.19 16.93
N LYS A 250 15.54 17.95 16.56
CA LYS A 250 14.75 16.89 17.17
C LYS A 250 14.59 15.68 16.25
N ILE A 251 14.97 15.79 14.99
CA ILE A 251 14.87 14.70 14.01
C ILE A 251 16.24 14.50 13.39
N LYS A 252 16.74 13.27 13.45
CA LYS A 252 18.06 12.93 12.94
C LYS A 252 17.95 12.37 11.53
N ILE A 253 19.09 11.96 10.99
CA ILE A 253 19.18 11.48 9.61
C ILE A 253 19.94 10.16 9.59
N ALA A 254 19.45 9.22 8.79
CA ALA A 254 20.10 7.93 8.60
C ALA A 254 20.20 7.64 7.11
N MET A 255 21.14 6.77 6.75
CA MET A 255 21.37 6.43 5.35
C MET A 255 21.52 4.92 5.18
N ASP A 256 20.92 4.41 4.11
CA ASP A 256 21.22 3.07 3.61
C ASP A 256 21.90 3.26 2.26
N VAL A 257 23.22 3.12 2.25
CA VAL A 257 23.98 3.33 1.01
C VAL A 257 23.71 2.20 0.03
N ALA A 258 23.62 0.97 0.52
CA ALA A 258 23.51 -0.22 -0.34
C ALA A 258 24.62 -0.24 -1.38
N SER A 259 25.86 -0.07 -0.91
CA SER A 259 27.01 0.10 -1.78
C SER A 259 27.42 -1.17 -2.51
N SER A 260 26.81 -2.32 -2.19
CA SER A 260 27.04 -3.51 -2.99
C SER A 260 26.51 -3.35 -4.41
N GLU A 261 25.55 -2.45 -4.61
CA GLU A 261 24.99 -2.23 -5.94
C GLU A 261 25.99 -1.59 -6.88
N PHE A 262 26.97 -0.85 -6.37
CA PHE A 262 27.89 -0.12 -7.22
C PHE A 262 29.35 -0.34 -6.82
N TYR A 263 29.70 -1.52 -6.34
CA TYR A 263 31.07 -1.86 -5.99
C TYR A 263 31.65 -2.73 -7.10
N LYS A 264 32.40 -2.11 -8.01
CA LYS A 264 33.13 -2.86 -9.03
C LYS A 264 34.23 -3.66 -8.34
N ALA A 265 33.95 -4.92 -8.00
CA ALA A 265 34.85 -5.70 -7.17
C ALA A 265 36.20 -5.95 -7.82
N ASP A 266 36.28 -5.85 -9.16
CA ASP A 266 37.53 -6.09 -9.85
C ASP A 266 38.57 -5.02 -9.51
N VAL A 267 38.22 -3.75 -9.76
CA VAL A 267 39.14 -2.64 -9.48
C VAL A 267 39.11 -2.21 -8.03
N LYS A 268 38.27 -2.82 -7.19
CA LYS A 268 38.13 -2.45 -5.78
C LYS A 268 37.77 -0.97 -5.63
N LYS A 269 36.67 -0.58 -6.28
CA LYS A 269 36.23 0.80 -6.31
C LYS A 269 34.71 0.86 -6.29
N TYR A 270 34.18 2.00 -5.89
CA TYR A 270 32.75 2.24 -5.79
C TYR A 270 32.33 3.30 -6.80
N ASP A 271 31.29 3.01 -7.55
CA ASP A 271 30.82 3.86 -8.64
C ASP A 271 29.62 4.68 -8.14
N LEU A 272 29.86 5.95 -7.84
CA LEU A 272 28.79 6.83 -7.39
C LEU A 272 27.89 7.31 -8.53
N ASP A 273 27.98 6.68 -9.70
CA ASP A 273 27.14 7.03 -10.85
C ASP A 273 26.79 5.77 -11.64
N PHE A 274 26.50 4.68 -10.92
CA PHE A 274 26.40 3.36 -11.54
C PHE A 274 25.18 3.19 -12.43
N LYS A 275 24.34 4.21 -12.57
CA LYS A 275 23.19 4.12 -13.46
C LYS A 275 23.48 4.78 -14.80
N LYS A 283 35.97 7.96 -12.23
CA LYS A 283 35.97 8.75 -11.00
C LYS A 283 35.41 7.95 -9.83
N TRP A 284 35.78 6.68 -9.76
CA TRP A 284 35.33 5.79 -8.71
C TRP A 284 36.25 5.90 -7.50
N LEU A 285 35.70 5.60 -6.32
CA LEU A 285 36.41 5.79 -5.06
C LEU A 285 36.90 4.48 -4.50
N THR A 286 38.06 4.52 -3.84
CA THR A 286 38.50 3.43 -2.99
C THR A 286 37.65 3.40 -1.73
N TYR A 287 37.89 2.40 -0.88
CA TYR A 287 37.16 2.38 0.39
C TYR A 287 37.68 3.42 1.37
N GLU A 288 38.94 3.85 1.23
CA GLU A 288 39.42 4.96 2.05
C GLU A 288 38.79 6.28 1.63
N GLN A 289 38.71 6.51 0.31
CA GLN A 289 38.08 7.74 -0.18
C GLN A 289 36.60 7.76 0.13
N LEU A 290 35.94 6.60 0.06
CA LEU A 290 34.54 6.52 0.43
C LEU A 290 34.35 6.73 1.93
N ALA A 291 35.31 6.28 2.75
CA ALA A 291 35.22 6.51 4.18
C ALA A 291 35.42 7.99 4.53
N ASP A 292 36.25 8.69 3.76
CA ASP A 292 36.41 10.13 3.96
C ASP A 292 35.12 10.87 3.65
N LEU A 293 34.39 10.42 2.62
CA LEU A 293 33.11 11.03 2.30
C LEU A 293 32.11 10.87 3.42
N TYR A 294 32.06 9.67 4.02
CA TYR A 294 31.14 9.44 5.12
C TYR A 294 31.47 10.30 6.32
N LYS A 295 32.76 10.37 6.68
CA LYS A 295 33.16 11.18 7.83
C LYS A 295 32.86 12.66 7.62
N SER A 296 33.00 13.14 6.39
N SER A 296 32.99 13.13 6.39
CA SER A 296 32.70 14.55 6.11
CA SER A 296 32.69 14.54 6.12
C SER A 296 31.21 14.81 6.20
C SER A 296 31.20 14.82 6.18
N LEU A 297 30.38 13.88 5.73
CA LEU A 297 28.93 14.06 5.80
C LEU A 297 28.41 13.91 7.23
N ALA A 298 29.03 13.03 8.02
CA ALA A 298 28.58 12.83 9.39
C ALA A 298 28.95 14.01 10.28
N ALA A 299 30.06 14.69 9.98
CA ALA A 299 30.43 15.87 10.75
C ALA A 299 29.67 17.11 10.30
N LYS A 300 29.05 17.07 9.11
CA LYS A 300 28.29 18.18 8.57
C LYS A 300 26.80 18.08 8.85
N TYR A 301 26.25 16.88 8.79
CA TYR A 301 24.83 16.64 9.00
C TYR A 301 24.61 15.71 10.18
N PRO A 302 23.47 15.81 10.87
CA PRO A 302 23.23 14.94 12.03
C PRO A 302 22.95 13.49 11.62
N ILE A 303 23.92 12.85 11.00
CA ILE A 303 23.78 11.46 10.55
C ILE A 303 24.15 10.55 11.72
N VAL A 304 23.20 9.74 12.17
CA VAL A 304 23.38 8.91 13.34
C VAL A 304 23.48 7.42 13.00
N SER A 305 23.24 7.04 11.75
CA SER A 305 23.27 5.63 11.36
C SER A 305 23.51 5.52 9.87
N ILE A 306 24.49 4.71 9.48
CA ILE A 306 24.80 4.44 8.08
C ILE A 306 24.76 2.94 7.86
N GLU A 307 23.97 2.52 6.88
CA GLU A 307 23.76 1.11 6.58
C GLU A 307 24.49 0.73 5.29
N ASP A 308 25.10 -0.45 5.29
CA ASP A 308 25.89 -0.97 4.18
C ASP A 308 26.85 0.07 3.56
N PRO A 309 27.71 0.71 4.36
CA PRO A 309 28.63 1.69 3.78
C PRO A 309 29.64 1.08 2.83
N PHE A 310 29.87 -0.24 2.92
CA PHE A 310 30.82 -0.91 2.04
C PHE A 310 30.22 -2.23 1.60
N ALA A 311 30.94 -2.90 0.70
CA ALA A 311 30.39 -4.05 0.00
C ALA A 311 30.11 -5.20 0.96
N GLU A 312 29.29 -6.14 0.49
CA GLU A 312 28.86 -7.27 1.31
C GLU A 312 30.01 -8.19 1.69
N ASP A 313 31.12 -8.18 0.94
CA ASP A 313 32.28 -9.00 1.26
C ASP A 313 33.55 -8.15 1.39
N ASP A 314 33.41 -6.83 1.53
CA ASP A 314 34.57 -5.95 1.72
C ASP A 314 34.84 -5.78 3.21
N TRP A 315 35.19 -6.90 3.85
CA TRP A 315 35.34 -6.93 5.30
C TRP A 315 36.40 -5.96 5.81
N GLU A 316 37.48 -5.78 5.04
CA GLU A 316 38.54 -4.86 5.47
C GLU A 316 38.02 -3.44 5.57
N ALA A 317 37.19 -3.01 4.62
CA ALA A 317 36.66 -1.65 4.64
C ALA A 317 35.75 -1.43 5.84
N TRP A 318 34.92 -2.43 6.17
CA TRP A 318 34.04 -2.31 7.33
C TRP A 318 34.85 -2.11 8.61
N SER A 319 35.87 -2.95 8.82
CA SER A 319 36.69 -2.83 10.03
C SER A 319 37.45 -1.51 10.05
N TYR A 320 37.97 -1.09 8.89
CA TYR A 320 38.66 0.19 8.81
C TYR A 320 37.74 1.35 9.20
N PHE A 321 36.47 1.26 8.84
CA PHE A 321 35.51 2.31 9.13
C PHE A 321 34.95 2.20 10.55
N TYR A 322 34.76 0.98 11.04
CA TYR A 322 34.23 0.79 12.39
C TYR A 322 35.16 1.36 13.45
N LYS A 323 36.46 1.28 13.23
CA LYS A 323 37.42 1.65 14.27
C LYS A 323 37.37 3.14 14.62
N THR A 324 36.92 4.00 13.71
CA THR A 324 36.98 5.44 13.92
C THR A 324 35.60 6.10 14.03
N SER A 325 34.52 5.32 14.03
CA SER A 325 33.17 5.86 13.93
C SER A 325 32.37 5.56 15.19
N ASP A 326 31.76 6.59 15.77
CA ASP A 326 30.93 6.44 16.96
C ASP A 326 29.44 6.28 16.66
N PHE A 327 29.02 6.51 15.42
CA PHE A 327 27.62 6.38 15.06
C PHE A 327 27.27 4.93 14.77
N GLN A 328 26.00 4.68 14.44
CA GLN A 328 25.54 3.32 14.16
C GLN A 328 25.97 2.90 12.76
N ILE A 329 26.55 1.70 12.65
CA ILE A 329 26.98 1.12 11.39
C ILE A 329 26.19 -0.17 11.21
N VAL A 330 25.22 -0.15 10.30
CA VAL A 330 24.24 -1.23 10.16
C VAL A 330 24.64 -2.14 9.01
N GLY A 331 24.75 -3.43 9.30
CA GLY A 331 24.97 -4.43 8.27
C GLY A 331 23.65 -4.92 7.72
N ASP A 332 23.56 -5.03 6.39
CA ASP A 332 22.40 -5.58 5.73
C ASP A 332 22.82 -6.71 4.81
N ASP A 333 23.30 -6.37 3.60
CA ASP A 333 23.85 -7.38 2.70
C ASP A 333 25.14 -7.97 3.22
N LEU A 334 25.77 -7.33 4.20
CA LEU A 334 26.97 -7.90 4.82
C LEU A 334 26.61 -9.10 5.68
N THR A 335 25.55 -8.98 6.48
CA THR A 335 25.19 -10.00 7.46
C THR A 335 23.97 -10.84 7.06
N VAL A 336 23.17 -10.37 6.11
CA VAL A 336 21.94 -11.02 5.63
C VAL A 336 21.22 -11.82 6.72
N THR A 337 21.09 -11.22 7.91
CA THR A 337 20.39 -11.83 9.04
C THR A 337 20.84 -13.26 9.28
N ASN A 338 22.09 -13.56 8.94
CA ASN A 338 22.62 -14.91 9.02
C ASN A 338 23.53 -15.02 10.23
N PRO A 339 23.23 -15.91 11.18
CA PRO A 339 24.09 -16.01 12.39
C PRO A 339 25.55 -16.30 12.08
N GLY A 340 25.84 -17.00 10.99
CA GLY A 340 27.23 -17.23 10.61
C GLY A 340 27.93 -15.97 10.15
N ARG A 341 27.23 -15.16 9.35
CA ARG A 341 27.81 -13.88 8.93
C ARG A 341 27.89 -12.89 10.08
N ILE A 342 26.93 -12.95 11.01
CA ILE A 342 26.98 -12.08 12.19
C ILE A 342 28.17 -12.42 13.06
N LYS A 343 28.46 -13.71 13.22
CA LYS A 343 29.62 -14.13 14.01
C LYS A 343 30.91 -13.57 13.43
N LYS A 344 31.05 -13.63 12.10
CA LYS A 344 32.24 -13.08 11.46
C LYS A 344 32.35 -11.57 11.67
N ALA A 345 31.23 -10.85 11.52
CA ALA A 345 31.26 -9.39 11.69
C ALA A 345 31.59 -9.01 13.13
N ILE A 346 31.13 -9.79 14.11
CA ILE A 346 31.48 -9.54 15.50
C ILE A 346 32.97 -9.74 15.72
N GLU A 347 33.50 -10.88 15.26
CA GLU A 347 34.91 -11.18 15.48
C GLU A 347 35.83 -10.21 14.76
N LEU A 348 35.43 -9.72 13.59
CA LEU A 348 36.26 -8.78 12.84
C LEU A 348 35.95 -7.32 13.17
N LYS A 349 34.99 -7.06 14.06
CA LYS A 349 34.60 -5.71 14.44
C LYS A 349 34.21 -4.89 13.20
N SER A 350 33.30 -5.44 12.42
CA SER A 350 32.93 -4.84 11.13
C SER A 350 31.76 -3.88 11.25
N CYS A 351 30.78 -4.17 12.10
CA CYS A 351 29.63 -3.29 12.28
C CYS A 351 29.15 -3.40 13.71
N ASN A 352 28.19 -2.53 14.06
CA ASN A 352 27.62 -2.52 15.40
C ASN A 352 26.11 -2.59 15.42
N ALA A 353 25.47 -2.93 14.29
CA ALA A 353 24.02 -3.05 14.25
C ALA A 353 23.63 -4.03 13.16
N LEU A 354 22.51 -4.70 13.36
CA LEU A 354 21.97 -5.67 12.41
C LEU A 354 20.67 -5.14 11.82
N LEU A 355 20.55 -5.23 10.50
CA LEU A 355 19.27 -5.00 9.83
C LEU A 355 18.58 -6.35 9.67
N LEU A 356 17.49 -6.55 10.40
CA LEU A 356 16.85 -7.86 10.50
C LEU A 356 15.78 -7.98 9.41
N LYS A 357 16.04 -8.84 8.43
CA LYS A 357 15.08 -9.19 7.40
C LYS A 357 14.76 -10.67 7.55
N VAL A 358 13.49 -10.98 7.82
CA VAL A 358 13.11 -12.38 8.08
C VAL A 358 13.29 -13.23 6.84
N ASN A 359 12.98 -12.69 5.66
CA ASN A 359 13.08 -13.48 4.45
C ASN A 359 14.51 -13.62 3.94
N GLN A 360 15.48 -13.02 4.62
CA GLN A 360 16.89 -13.27 4.30
C GLN A 360 17.38 -14.58 4.86
N ILE A 361 16.77 -15.06 5.96
CA ILE A 361 17.21 -16.29 6.59
C ILE A 361 16.19 -17.42 6.45
N GLY A 362 14.89 -17.11 6.44
CA GLY A 362 13.86 -18.06 6.03
C GLY A 362 12.88 -18.46 7.12
N THR A 363 13.28 -18.37 8.40
CA THR A 363 12.40 -18.74 9.49
C THR A 363 12.42 -17.66 10.57
N LEU A 364 11.41 -17.73 11.45
CA LEU A 364 11.32 -16.79 12.56
C LEU A 364 12.34 -17.11 13.64
N THR A 365 12.53 -18.39 13.96
CA THR A 365 13.51 -18.77 14.98
C THR A 365 14.90 -18.32 14.59
N GLU A 366 15.29 -18.58 13.34
CA GLU A 366 16.61 -18.13 12.88
C GLU A 366 16.70 -16.61 12.85
N SER A 367 15.59 -15.93 12.56
CA SER A 367 15.57 -14.46 12.65
C SER A 367 15.72 -13.99 14.09
N ILE A 368 15.05 -14.66 15.02
CA ILE A 368 15.18 -14.31 16.43
C ILE A 368 16.60 -14.61 16.91
N GLN A 369 17.14 -15.77 16.55
CA GLN A 369 18.51 -16.13 16.94
C GLN A 369 19.51 -15.11 16.38
N ALA A 370 19.26 -14.62 15.16
CA ALA A 370 20.15 -13.59 14.62
C ALA A 370 20.11 -12.32 15.46
N ALA A 371 18.93 -11.97 15.99
CA ALA A 371 18.82 -10.79 16.85
C ALA A 371 19.54 -11.01 18.18
N LYS A 372 19.35 -12.17 18.80
CA LYS A 372 19.98 -12.46 20.09
C LYS A 372 21.50 -12.46 19.97
N ASP A 373 22.03 -13.02 18.88
CA ASP A 373 23.48 -13.03 18.68
C ASP A 373 24.02 -11.61 18.56
N SER A 374 23.24 -10.72 17.93
CA SER A 374 23.64 -9.32 17.84
C SER A 374 23.62 -8.65 19.21
N TYR A 375 22.56 -8.89 19.98
CA TYR A 375 22.45 -8.32 21.32
C TYR A 375 23.61 -8.75 22.21
N ALA A 376 24.12 -9.97 22.04
CA ALA A 376 25.22 -10.44 22.85
C ALA A 376 26.47 -9.58 22.68
N ASP A 377 26.66 -9.01 21.48
CA ASP A 377 27.76 -8.09 21.21
C ASP A 377 27.34 -6.64 21.36
N ASN A 378 26.24 -6.37 22.07
CA ASN A 378 25.72 -5.03 22.30
C ASN A 378 25.42 -4.30 21.00
N TRP A 379 25.00 -5.04 19.98
CA TRP A 379 24.60 -4.43 18.73
C TRP A 379 23.23 -3.78 18.87
N GLY A 380 22.92 -2.88 17.95
CA GLY A 380 21.55 -2.50 17.72
C GLY A 380 20.90 -3.43 16.71
N VAL A 381 19.57 -3.44 16.69
CA VAL A 381 18.82 -4.28 15.77
C VAL A 381 17.71 -3.44 15.16
N MET A 382 17.68 -3.34 13.84
CA MET A 382 16.66 -2.59 13.12
C MET A 382 15.86 -3.59 12.28
N VAL A 383 14.64 -3.90 12.72
CA VAL A 383 13.76 -4.75 11.94
C VAL A 383 13.34 -4.00 10.68
N SER A 384 13.54 -4.64 9.53
CA SER A 384 13.37 -3.97 8.25
C SER A 384 12.34 -4.68 7.39
N HIS A 385 11.73 -3.90 6.52
CA HIS A 385 10.89 -4.40 5.45
C HIS A 385 11.75 -4.74 4.24
N ARG A 386 11.11 -5.23 3.19
CA ARG A 386 11.74 -5.34 1.88
C ARG A 386 11.20 -4.26 0.96
N SER A 387 11.92 -4.01 -0.13
CA SER A 387 11.47 -3.01 -1.09
C SER A 387 10.13 -3.41 -1.71
N GLY A 388 9.90 -4.70 -1.92
CA GLY A 388 8.59 -5.20 -2.29
C GLY A 388 7.83 -5.73 -1.10
N GLU A 389 6.90 -4.94 -0.56
CA GLU A 389 6.14 -5.28 0.64
C GLU A 389 4.70 -5.59 0.29
N THR A 390 3.95 -6.00 1.31
CA THR A 390 2.52 -6.29 1.17
C THR A 390 1.73 -5.62 2.28
N GLU A 391 0.43 -5.93 2.36
CA GLU A 391 -0.40 -5.46 3.46
C GLU A 391 -0.12 -6.20 4.76
N ASP A 392 0.75 -7.20 4.73
CA ASP A 392 1.15 -7.89 5.95
C ASP A 392 1.90 -6.93 6.87
N VAL A 393 1.69 -7.09 8.17
CA VAL A 393 2.25 -6.17 9.17
C VAL A 393 3.02 -6.92 10.24
N THR A 394 3.55 -8.10 9.90
CA THR A 394 4.20 -8.96 10.89
C THR A 394 5.41 -8.29 11.53
N ILE A 395 6.19 -7.55 10.74
CA ILE A 395 7.42 -6.97 11.26
C ILE A 395 7.13 -5.92 12.34
N ALA A 396 5.93 -5.35 12.37
CA ALA A 396 5.57 -4.44 13.45
C ALA A 396 5.60 -5.16 14.79
N ASP A 397 4.95 -6.33 14.86
CA ASP A 397 5.00 -7.14 16.07
C ASP A 397 6.41 -7.70 16.30
N ILE A 398 7.18 -7.92 15.24
CA ILE A 398 8.54 -8.40 15.41
C ILE A 398 9.40 -7.31 16.06
N ALA A 399 9.28 -6.07 15.59
CA ALA A 399 10.07 -4.97 16.15
C ALA A 399 9.74 -4.76 17.63
N VAL A 400 8.46 -4.78 17.99
CA VAL A 400 8.09 -4.59 19.39
C VAL A 400 8.46 -5.81 20.22
N GLY A 401 8.26 -7.01 19.66
CA GLY A 401 8.58 -8.22 20.39
C GLY A 401 10.07 -8.39 20.68
N LEU A 402 10.92 -7.90 19.77
CA LEU A 402 12.37 -8.02 19.97
C LEU A 402 12.93 -6.89 20.82
N ARG A 403 12.11 -5.93 21.23
CA ARG A 403 12.57 -4.78 22.02
C ARG A 403 13.69 -4.04 21.29
N SER A 404 13.61 -4.01 19.97
CA SER A 404 14.70 -3.48 19.16
C SER A 404 14.77 -1.96 19.23
N GLY A 405 13.63 -1.29 19.44
CA GLY A 405 13.63 0.15 19.52
C GLY A 405 13.89 0.88 18.22
N GLN A 406 13.94 0.18 17.09
CA GLN A 406 14.10 0.85 15.81
C GLN A 406 13.58 -0.05 14.69
N ILE A 407 12.77 0.51 13.81
CA ILE A 407 12.20 -0.21 12.69
C ILE A 407 12.40 0.62 11.43
N LYS A 408 12.57 -0.07 10.31
CA LYS A 408 12.69 0.55 8.99
C LYS A 408 11.62 -0.05 8.11
N THR A 409 10.56 0.72 7.84
CA THR A 409 9.45 0.18 7.06
C THR A 409 8.93 1.16 6.02
N GLY A 410 9.73 2.15 5.63
CA GLY A 410 9.43 2.99 4.48
C GLY A 410 9.06 4.42 4.88
N ALA A 411 8.81 5.21 3.85
CA ALA A 411 8.30 6.56 4.03
C ALA A 411 6.86 6.51 4.51
N PRO A 412 6.35 7.62 5.08
CA PRO A 412 4.92 7.69 5.39
C PRO A 412 4.07 7.82 4.15
N CYS A 413 4.27 6.92 3.19
CA CYS A 413 3.62 6.96 1.89
C CYS A 413 3.62 5.55 1.32
N ARG A 414 2.54 5.22 0.59
CA ARG A 414 2.24 3.86 0.13
C ARG A 414 1.86 2.99 1.32
N SER A 415 0.68 2.36 1.26
CA SER A 415 0.12 1.71 2.44
C SER A 415 0.86 0.44 2.84
N GLU A 416 1.63 -0.18 1.93
CA GLU A 416 2.46 -1.30 2.34
C GLU A 416 3.52 -0.88 3.35
N ARG A 417 3.77 0.42 3.47
CA ARG A 417 4.68 0.98 4.47
C ARG A 417 3.95 1.41 5.72
N LEU A 418 2.83 2.14 5.55
CA LEU A 418 2.09 2.70 6.67
C LEU A 418 1.29 1.66 7.45
N ALA A 419 0.91 0.55 6.82
CA ALA A 419 0.19 -0.48 7.54
C ALA A 419 0.99 -0.98 8.74
N LYS A 420 2.30 -1.11 8.58
CA LYS A 420 3.16 -1.42 9.72
C LYS A 420 3.14 -0.29 10.73
N LEU A 421 3.21 0.96 10.27
CA LEU A 421 3.17 2.09 11.18
C LEU A 421 1.82 2.20 11.86
N ASN A 422 0.72 1.98 11.12
CA ASN A 422 -0.60 2.00 11.74
C ASN A 422 -0.75 0.88 12.76
N GLN A 423 -0.11 -0.27 12.51
CA GLN A 423 -0.18 -1.38 13.45
C GLN A 423 0.52 -1.05 14.76
N ILE A 424 1.68 -0.38 14.68
CA ILE A 424 2.37 0.06 15.89
C ILE A 424 1.55 1.09 16.64
N LEU A 425 0.80 1.93 15.92
CA LEU A 425 -0.11 2.85 16.60
C LEU A 425 -1.15 2.10 17.42
N ARG A 426 -1.67 1.00 16.88
CA ARG A 426 -2.63 0.19 17.63
C ARG A 426 -1.95 -0.50 18.81
N ILE A 427 -0.71 -0.94 18.63
CA ILE A 427 0.04 -1.52 19.73
C ILE A 427 0.30 -0.46 20.80
N GLU A 428 0.62 0.76 20.38
CA GLU A 428 0.87 1.85 21.31
C GLU A 428 -0.37 2.13 22.16
N GLU A 429 -1.53 2.24 21.52
CA GLU A 429 -2.77 2.49 22.24
C GLU A 429 -3.16 1.31 23.11
N GLU A 430 -2.88 0.09 22.66
CA GLU A 430 -3.25 -1.10 23.42
C GLU A 430 -2.44 -1.21 24.72
N LEU A 431 -1.15 -0.88 24.66
CA LEU A 431 -0.27 -1.07 25.81
C LEU A 431 -0.31 0.08 26.79
N GLY A 432 -0.54 1.30 26.32
CA GLY A 432 -0.63 2.44 27.23
C GLY A 432 0.68 2.66 27.97
N GLU A 433 0.62 2.69 29.30
CA GLU A 433 1.81 2.87 30.12
C GLU A 433 2.68 1.62 30.19
N ASN A 434 2.18 0.47 29.71
CA ASN A 434 2.98 -0.73 29.64
C ASN A 434 3.97 -0.70 28.48
N ALA A 435 4.04 0.39 27.73
CA ALA A 435 5.00 0.57 26.66
C ALA A 435 5.66 1.94 26.78
N VAL A 436 6.90 2.01 26.31
CA VAL A 436 7.68 3.25 26.30
C VAL A 436 8.33 3.40 24.93
N TYR A 437 8.36 4.63 24.42
CA TYR A 437 9.04 4.90 23.17
C TYR A 437 10.56 4.83 23.36
N ALA A 438 11.24 4.22 22.39
CA ALA A 438 12.69 4.05 22.50
C ALA A 438 13.40 5.38 22.52
N GLY A 439 12.95 6.33 21.71
CA GLY A 439 13.56 7.65 21.70
C GLY A 439 15.02 7.61 21.25
N SER A 440 15.85 8.38 21.95
CA SER A 440 17.26 8.50 21.59
C SER A 440 18.06 7.24 21.93
N LYS A 441 17.49 6.33 22.72
CA LYS A 441 18.18 5.10 23.11
C LYS A 441 17.90 3.93 22.17
N PHE A 442 17.69 4.21 20.88
CA PHE A 442 17.34 3.14 19.95
C PHE A 442 18.49 2.17 19.73
N ARG A 443 19.73 2.60 19.93
CA ARG A 443 20.86 1.69 19.75
C ARG A 443 20.98 0.69 20.90
N THR A 444 20.40 0.99 22.06
CA THR A 444 20.50 0.14 23.24
C THR A 444 19.13 -0.15 23.85
N ALA A 445 18.09 -0.23 23.01
CA ALA A 445 16.72 -0.31 23.52
C ALA A 445 16.42 -1.65 24.20
N VAL A 446 17.18 -2.70 23.88
CA VAL A 446 16.89 -4.00 24.48
C VAL A 446 17.14 -3.96 25.99
N ASN A 447 18.11 -3.17 26.44
CA ASN A 447 18.41 -3.04 27.85
C ASN A 447 17.85 -1.76 28.45
N LEU A 448 17.05 -1.02 27.70
CA LEU A 448 16.45 0.23 28.17
C LEU A 448 15.57 -0.01 29.39
N PRO B 12 -25.08 -8.14 21.03
CA PRO B 12 -25.06 -6.67 21.01
C PRO B 12 -23.65 -6.10 20.93
N ILE B 13 -23.55 -4.81 20.62
CA ILE B 13 -22.26 -4.14 20.52
C ILE B 13 -21.75 -3.85 21.93
N SER B 14 -20.52 -4.28 22.21
CA SER B 14 -19.92 -4.07 23.53
C SER B 14 -18.94 -2.90 23.55
N LYS B 15 -18.41 -2.49 22.41
CA LYS B 15 -17.43 -1.42 22.37
C LYS B 15 -17.38 -0.81 20.98
N ILE B 16 -17.37 0.52 20.91
CA ILE B 16 -17.15 1.26 19.68
C ILE B 16 -16.02 2.24 19.93
N HIS B 17 -14.91 2.08 19.21
CA HIS B 17 -13.74 2.92 19.43
C HIS B 17 -13.11 3.30 18.10
N ALA B 18 -12.76 4.58 17.97
CA ALA B 18 -12.14 5.11 16.78
C ALA B 18 -10.74 5.63 17.10
N ARG B 19 -9.90 5.70 16.06
CA ARG B 19 -8.54 6.17 16.20
C ARG B 19 -8.09 6.76 14.87
N SER B 20 -6.96 7.46 14.91
N SER B 20 -6.96 7.46 14.90
CA SER B 20 -6.38 8.09 13.74
CA SER B 20 -6.39 8.10 13.73
C SER B 20 -5.29 7.20 13.15
C SER B 20 -5.28 7.22 13.15
N VAL B 21 -5.40 6.92 11.86
CA VAL B 21 -4.38 6.20 11.11
C VAL B 21 -4.02 7.03 9.89
N TYR B 22 -2.96 6.62 9.22
CA TYR B 22 -2.44 7.33 8.05
C TYR B 22 -2.84 6.61 6.77
N ASP B 23 -3.29 7.38 5.78
CA ASP B 23 -3.66 6.84 4.48
C ASP B 23 -2.43 6.75 3.58
N SER B 24 -2.65 6.32 2.33
CA SER B 24 -1.54 6.07 1.42
C SER B 24 -0.79 7.33 1.02
N ARG B 25 -1.37 8.51 1.28
CA ARG B 25 -0.69 9.77 1.00
C ARG B 25 0.05 10.32 2.20
N GLY B 26 -0.07 9.67 3.37
CA GLY B 26 0.55 10.19 4.57
C GLY B 26 -0.31 11.17 5.35
N ASN B 27 -1.62 11.17 5.13
CA ASN B 27 -2.55 12.03 5.82
C ASN B 27 -3.42 11.23 6.78
N PRO B 28 -3.84 11.83 7.91
CA PRO B 28 -4.68 11.11 8.86
C PRO B 28 -6.03 10.74 8.25
N THR B 29 -6.62 9.68 8.79
CA THR B 29 -7.98 9.27 8.44
C THR B 29 -8.52 8.45 9.60
N VAL B 30 -9.81 8.13 9.50
CA VAL B 30 -10.55 7.54 10.61
C VAL B 30 -10.53 6.02 10.49
N GLU B 31 -10.23 5.34 11.60
CA GLU B 31 -10.39 3.90 11.71
C GLU B 31 -11.28 3.61 12.90
N VAL B 32 -12.29 2.76 12.70
CA VAL B 32 -13.30 2.48 13.71
C VAL B 32 -13.31 1.00 14.03
N ASP B 33 -13.37 0.69 15.33
CA ASP B 33 -13.51 -0.68 15.82
C ASP B 33 -14.91 -0.87 16.37
N VAL B 34 -15.51 -2.03 16.07
CA VAL B 34 -16.78 -2.44 16.64
C VAL B 34 -16.59 -3.87 17.15
N VAL B 35 -16.87 -4.08 18.44
CA VAL B 35 -16.63 -5.36 19.10
C VAL B 35 -17.96 -5.98 19.48
N THR B 36 -18.19 -7.22 19.05
CA THR B 36 -19.33 -8.01 19.48
C THR B 36 -18.86 -9.36 19.99
N GLU B 37 -19.78 -10.32 20.13
CA GLU B 37 -19.36 -11.64 20.59
C GLU B 37 -18.50 -12.34 19.56
N THR B 38 -18.71 -12.07 18.28
CA THR B 38 -17.96 -12.74 17.21
C THR B 38 -16.56 -12.18 17.04
N GLY B 39 -16.20 -11.11 17.76
CA GLY B 39 -14.83 -10.60 17.74
C GLY B 39 -14.82 -9.11 17.46
N LEU B 40 -13.68 -8.65 16.95
CA LEU B 40 -13.48 -7.24 16.62
C LEU B 40 -13.69 -7.05 15.12
N HIS B 41 -14.30 -5.93 14.75
CA HIS B 41 -14.64 -5.63 13.36
C HIS B 41 -14.19 -4.21 13.05
N ARG B 42 -13.27 -4.09 12.09
CA ARG B 42 -12.52 -2.87 11.87
C ARG B 42 -12.71 -2.39 10.44
N ALA B 43 -12.80 -1.07 10.27
CA ALA B 43 -12.92 -0.45 8.96
C ALA B 43 -12.19 0.89 8.96
N ILE B 44 -11.61 1.23 7.82
CA ILE B 44 -10.91 2.49 7.63
C ILE B 44 -11.59 3.28 6.53
N VAL B 45 -11.68 4.60 6.72
CA VAL B 45 -12.35 5.49 5.78
C VAL B 45 -11.35 6.02 4.77
N PRO B 46 -11.66 6.01 3.48
CA PRO B 46 -10.77 6.59 2.47
C PRO B 46 -10.92 8.11 2.44
N SER B 47 -10.20 8.73 1.51
CA SER B 47 -10.25 10.19 1.39
C SER B 47 -9.81 10.61 0.00
N GLY B 48 -10.61 11.45 -0.65
CA GLY B 48 -10.21 12.03 -1.92
C GLY B 48 -9.31 13.24 -1.75
N ALA B 49 -8.74 13.66 -2.87
CA ALA B 49 -7.83 14.82 -2.87
C ALA B 49 -8.60 16.11 -3.05
N GLN B 53 -18.10 20.43 -5.17
CA GLN B 53 -18.96 19.28 -5.38
C GLN B 53 -20.03 19.17 -4.29
N HIS B 54 -21.14 18.50 -4.62
CA HIS B 54 -22.18 18.19 -3.64
C HIS B 54 -21.87 16.90 -2.90
N GLU B 55 -20.63 16.81 -2.43
CA GLU B 55 -20.11 15.60 -1.80
C GLU B 55 -20.41 15.61 -0.31
N ALA B 56 -20.37 14.43 0.29
CA ALA B 56 -20.52 14.32 1.73
C ALA B 56 -19.38 15.04 2.44
N HIS B 57 -19.73 15.82 3.46
CA HIS B 57 -18.78 16.69 4.14
C HIS B 57 -17.96 15.87 5.14
N GLU B 58 -16.68 15.63 4.82
CA GLU B 58 -15.80 14.99 5.77
C GLU B 58 -15.22 16.03 6.73
N LEU B 59 -15.01 15.61 7.97
CA LEU B 59 -14.63 16.51 9.05
C LEU B 59 -13.12 16.49 9.24
N ARG B 60 -12.48 17.64 9.09
CA ARG B 60 -11.05 17.82 9.33
C ARG B 60 -10.84 18.79 10.48
N ASP B 61 -9.74 18.59 11.21
CA ASP B 61 -9.48 19.39 12.41
C ASP B 61 -9.21 20.85 12.06
N GLY B 62 -8.39 21.09 11.04
CA GLY B 62 -8.07 22.46 10.65
C GLY B 62 -7.03 23.14 11.49
N ASP B 63 -6.22 22.38 12.24
CA ASP B 63 -5.12 22.94 13.02
C ASP B 63 -3.88 22.92 12.13
N LYS B 64 -3.51 24.08 11.60
CA LYS B 64 -2.41 24.13 10.65
C LYS B 64 -1.07 23.78 11.28
N THR B 65 -1.00 23.61 12.61
CA THR B 65 0.21 23.14 13.26
C THR B 65 0.25 21.64 13.44
N GLN B 66 -0.78 20.91 13.02
CA GLN B 66 -0.85 19.46 13.18
C GLN B 66 -1.30 18.85 11.85
N TRP B 67 -0.41 18.10 11.20
CA TRP B 67 -0.70 17.42 9.94
C TRP B 67 -1.09 18.41 8.84
N GLY B 68 -0.67 19.66 8.97
CA GLY B 68 -1.03 20.67 7.99
C GLY B 68 -2.50 20.99 7.98
N GLY B 69 -3.19 20.78 9.09
CA GLY B 69 -4.62 21.01 9.17
C GLY B 69 -5.48 19.85 8.74
N LYS B 70 -4.88 18.69 8.46
CA LYS B 70 -5.61 17.52 7.97
C LYS B 70 -5.86 16.49 9.07
N GLY B 71 -5.86 16.92 10.33
CA GLY B 71 -6.16 16.00 11.42
C GLY B 71 -7.62 15.60 11.45
N VAL B 72 -7.88 14.45 12.08
CA VAL B 72 -9.24 13.94 12.19
C VAL B 72 -9.55 13.58 13.63
N LEU B 73 -8.91 14.27 14.58
CA LEU B 73 -9.19 14.02 15.99
C LEU B 73 -10.62 14.36 16.34
N LYS B 74 -11.21 15.38 15.69
N LYS B 74 -11.21 15.38 15.69
CA LYS B 74 -12.59 15.74 15.97
CA LYS B 74 -12.59 15.74 15.97
C LYS B 74 -13.56 14.66 15.50
C LYS B 74 -13.54 14.65 15.51
N ALA B 75 -13.33 14.11 14.30
CA ALA B 75 -14.19 13.05 13.81
C ALA B 75 -14.04 11.79 14.65
N VAL B 76 -12.82 11.49 15.10
CA VAL B 76 -12.60 10.37 16.01
C VAL B 76 -13.33 10.59 17.33
N LYS B 77 -13.22 11.80 17.89
CA LYS B 77 -13.93 12.11 19.14
C LYS B 77 -15.43 11.98 18.97
N ASN B 78 -15.97 12.37 17.82
CA ASN B 78 -17.41 12.25 17.60
C ASN B 78 -17.84 10.79 17.65
N VAL B 79 -17.01 9.88 17.14
CA VAL B 79 -17.31 8.45 17.25
C VAL B 79 -17.25 8.00 18.69
N ASN B 80 -16.15 8.35 19.39
CA ASN B 80 -15.92 7.81 20.73
C ASN B 80 -16.92 8.39 21.74
N GLU B 81 -17.22 9.68 21.64
CA GLU B 81 -18.03 10.36 22.66
C GLU B 81 -19.51 10.48 22.31
N THR B 82 -19.86 10.57 21.03
CA THR B 82 -21.24 10.83 20.62
C THR B 82 -21.87 9.63 19.91
N ILE B 83 -21.29 9.18 18.79
CA ILE B 83 -21.93 8.13 18.00
C ILE B 83 -21.92 6.80 18.76
N GLY B 84 -20.75 6.39 19.24
CA GLY B 84 -20.57 5.12 19.91
C GLY B 84 -21.56 4.87 21.04
N PRO B 85 -21.49 5.68 22.11
CA PRO B 85 -22.43 5.48 23.23
C PRO B 85 -23.89 5.56 22.82
N ALA B 86 -24.24 6.40 21.84
CA ALA B 86 -25.63 6.50 21.43
C ALA B 86 -26.08 5.25 20.68
N LEU B 87 -25.21 4.66 19.87
CA LEU B 87 -25.58 3.46 19.13
C LEU B 87 -25.70 2.26 20.06
N ILE B 88 -24.83 2.17 21.07
CA ILE B 88 -24.90 1.05 22.00
C ILE B 88 -26.19 1.09 22.80
N LYS B 89 -26.60 2.29 23.26
CA LYS B 89 -27.85 2.41 24.00
C LYS B 89 -29.05 2.13 23.11
N GLU B 90 -28.99 2.55 21.84
CA GLU B 90 -30.08 2.30 20.91
C GLU B 90 -30.29 0.81 20.68
N ASN B 91 -29.21 0.01 20.76
CA ASN B 91 -29.28 -1.44 20.75
C ASN B 91 -29.99 -1.97 19.50
N ILE B 92 -29.47 -1.56 18.35
CA ILE B 92 -30.00 -2.00 17.06
C ILE B 92 -29.33 -3.30 16.66
N ASP B 93 -30.08 -4.19 16.04
CA ASP B 93 -29.53 -5.42 15.49
C ASP B 93 -28.45 -5.09 14.46
N VAL B 94 -27.22 -5.56 14.71
CA VAL B 94 -26.10 -5.26 13.83
C VAL B 94 -26.31 -5.80 12.42
N LYS B 95 -27.21 -6.77 12.25
CA LYS B 95 -27.51 -7.26 10.91
C LYS B 95 -28.40 -6.33 10.12
N ASP B 96 -29.08 -5.39 10.80
CA ASP B 96 -30.02 -4.48 10.13
C ASP B 96 -29.27 -3.20 9.77
N GLN B 97 -28.57 -3.25 8.64
CA GLN B 97 -27.77 -2.11 8.20
C GLN B 97 -28.64 -0.89 7.91
N SER B 98 -29.85 -1.09 7.39
CA SER B 98 -30.73 0.04 7.13
C SER B 98 -31.09 0.78 8.40
N LYS B 99 -31.43 0.03 9.47
CA LYS B 99 -31.78 0.68 10.73
C LYS B 99 -30.57 1.35 11.36
N VAL B 100 -29.39 0.74 11.21
CA VAL B 100 -28.16 1.31 11.79
C VAL B 100 -27.83 2.64 11.12
N ASP B 101 -27.79 2.65 9.78
CA ASP B 101 -27.44 3.86 9.06
C ASP B 101 -28.53 4.92 9.19
N GLU B 102 -29.80 4.51 9.29
CA GLU B 102 -30.86 5.48 9.56
C GLU B 102 -30.63 6.18 10.89
N PHE B 103 -30.25 5.42 11.92
CA PHE B 103 -29.96 6.01 13.22
C PHE B 103 -28.72 6.90 13.17
N LEU B 104 -27.72 6.54 12.36
CA LEU B 104 -26.54 7.38 12.24
C LEU B 104 -26.87 8.73 11.60
N ASN B 105 -27.73 8.72 10.58
CA ASN B 105 -28.13 9.98 9.95
C ASN B 105 -29.04 10.79 10.86
N LYS B 106 -29.85 10.12 11.69
CA LYS B 106 -30.65 10.83 12.68
C LYS B 106 -29.77 11.55 13.69
N LEU B 107 -28.70 10.90 14.13
CA LEU B 107 -27.77 11.55 15.05
C LEU B 107 -27.14 12.79 14.41
N ASP B 108 -26.68 12.65 13.17
CA ASP B 108 -26.08 13.78 12.47
C ASP B 108 -27.13 14.85 12.19
N GLY B 109 -28.16 14.51 11.43
CA GLY B 109 -29.28 15.40 11.20
C GLY B 109 -29.10 16.42 10.11
N THR B 110 -27.98 16.41 9.40
CA THR B 110 -27.74 17.32 8.29
C THR B 110 -27.70 16.56 6.98
N ALA B 111 -27.96 17.28 5.89
CA ALA B 111 -28.03 16.64 4.58
C ALA B 111 -26.66 16.18 4.12
N ASN B 112 -25.63 16.99 4.36
CA ASN B 112 -24.27 16.70 3.90
C ASN B 112 -23.40 16.09 5.00
N LYS B 113 -23.99 15.69 6.13
CA LYS B 113 -23.28 15.06 7.23
C LYS B 113 -22.17 15.97 7.78
N SER B 114 -22.46 17.27 7.87
CA SER B 114 -21.47 18.23 8.34
C SER B 114 -21.42 18.36 9.85
N ASN B 115 -22.46 17.91 10.55
CA ASN B 115 -22.47 17.95 12.01
C ASN B 115 -21.43 16.99 12.59
N LEU B 116 -21.63 15.69 12.35
CA LEU B 116 -20.75 14.68 12.93
C LEU B 116 -19.58 14.33 12.02
N GLY B 117 -19.68 14.60 10.72
CA GLY B 117 -18.63 14.27 9.79
C GLY B 117 -18.90 13.00 9.01
N ALA B 118 -18.79 13.06 7.68
CA ALA B 118 -19.04 11.89 6.85
C ALA B 118 -18.03 10.78 7.11
N ASN B 119 -16.78 11.15 7.41
CA ASN B 119 -15.76 10.15 7.71
C ASN B 119 -16.03 9.44 9.03
N ALA B 120 -16.60 10.15 10.01
CA ALA B 120 -16.95 9.50 11.26
C ALA B 120 -18.14 8.57 11.10
N ILE B 121 -19.14 8.99 10.31
CA ILE B 121 -20.33 8.18 10.12
C ILE B 121 -20.01 6.93 9.32
N LEU B 122 -19.25 7.08 8.23
CA LEU B 122 -18.95 5.93 7.38
C LEU B 122 -18.14 4.88 8.12
N GLY B 123 -17.19 5.32 8.96
CA GLY B 123 -16.39 4.37 9.70
C GLY B 123 -17.23 3.44 10.56
N VAL B 124 -18.16 4.01 11.33
CA VAL B 124 -19.08 3.20 12.12
C VAL B 124 -19.94 2.34 11.20
N SER B 125 -20.38 2.92 10.07
CA SER B 125 -21.30 2.22 9.18
C SER B 125 -20.68 0.97 8.60
N LEU B 126 -19.43 1.08 8.11
CA LEU B 126 -18.77 -0.07 7.49
C LEU B 126 -18.35 -1.10 8.54
N ALA B 127 -17.90 -0.65 9.71
CA ALA B 127 -17.49 -1.60 10.75
C ALA B 127 -18.67 -2.35 11.32
N VAL B 128 -19.83 -1.69 11.45
CA VAL B 128 -21.04 -2.38 11.87
C VAL B 128 -21.49 -3.37 10.80
N ALA B 129 -21.30 -3.03 9.52
CA ALA B 129 -21.64 -3.96 8.45
C ALA B 129 -20.83 -5.25 8.55
N LYS B 130 -19.54 -5.14 8.86
CA LYS B 130 -18.73 -6.34 9.07
C LYS B 130 -19.14 -7.07 10.34
N ALA B 131 -19.63 -6.33 11.34
CA ALA B 131 -20.18 -6.98 12.52
C ALA B 131 -21.46 -7.74 12.17
N GLY B 132 -22.30 -7.16 11.31
CA GLY B 132 -23.51 -7.85 10.90
C GLY B 132 -23.22 -9.08 10.08
N ALA B 133 -22.21 -9.00 9.21
CA ALA B 133 -21.79 -10.15 8.42
C ALA B 133 -21.26 -11.27 9.32
N ALA B 134 -20.43 -10.92 10.30
CA ALA B 134 -19.84 -11.93 11.18
C ALA B 134 -20.91 -12.62 12.01
N GLU B 135 -21.94 -11.89 12.43
CA GLU B 135 -23.03 -12.50 13.18
C GLU B 135 -23.80 -13.48 12.32
N LYS B 136 -23.93 -13.21 11.02
CA LYS B 136 -24.59 -14.13 10.10
C LYS B 136 -23.71 -15.31 9.70
N GLY B 137 -22.46 -15.33 10.16
CA GLY B 137 -21.56 -16.42 9.79
C GLY B 137 -21.14 -16.42 8.34
N VAL B 138 -21.27 -15.30 7.64
CA VAL B 138 -20.92 -15.21 6.22
C VAL B 138 -19.94 -14.05 6.04
N PRO B 139 -19.16 -14.09 4.97
CA PRO B 139 -18.29 -12.94 4.66
C PRO B 139 -19.10 -11.72 4.29
N LEU B 140 -18.40 -10.59 4.19
CA LEU B 140 -19.08 -9.31 3.99
C LEU B 140 -19.79 -9.25 2.64
N TYR B 141 -19.17 -9.78 1.57
CA TYR B 141 -19.79 -9.69 0.25
C TYR B 141 -21.10 -10.45 0.19
N ALA B 142 -21.20 -11.58 0.90
CA ALA B 142 -22.47 -12.30 0.98
C ALA B 142 -23.50 -11.49 1.75
N HIS B 143 -23.07 -10.83 2.83
CA HIS B 143 -23.98 -9.98 3.59
C HIS B 143 -24.48 -8.80 2.75
N ILE B 144 -23.59 -8.19 1.97
CA ILE B 144 -23.99 -7.06 1.14
C ILE B 144 -24.93 -7.52 0.03
N SER B 145 -24.71 -8.72 -0.51
CA SER B 145 -25.62 -9.24 -1.52
C SER B 145 -27.02 -9.42 -0.97
N ASP B 146 -27.14 -9.80 0.30
CA ASP B 146 -28.46 -9.84 0.94
C ASP B 146 -29.07 -8.45 1.04
N LEU B 147 -28.26 -7.47 1.42
CA LEU B 147 -28.76 -6.10 1.56
C LEU B 147 -29.19 -5.55 0.20
N ALA B 148 -28.33 -5.70 -0.82
CA ALA B 148 -28.63 -5.15 -2.13
C ALA B 148 -29.59 -6.01 -2.93
N GLY B 149 -29.90 -7.22 -2.47
CA GLY B 149 -30.77 -8.10 -3.22
C GLY B 149 -30.22 -8.59 -4.54
N THR B 150 -28.90 -8.73 -4.65
CA THR B 150 -28.30 -9.23 -5.88
C THR B 150 -28.35 -10.76 -5.90
N LYS B 151 -28.51 -11.30 -7.11
CA LYS B 151 -28.72 -12.73 -7.28
C LYS B 151 -27.39 -13.48 -7.36
N LYS B 152 -27.49 -14.80 -7.27
CA LYS B 152 -26.37 -15.73 -7.33
C LYS B 152 -26.33 -16.42 -8.69
N PRO B 153 -25.16 -16.91 -9.12
CA PRO B 153 -23.85 -16.89 -8.46
C PRO B 153 -23.19 -15.51 -8.45
N TYR B 154 -22.21 -15.32 -7.58
CA TYR B 154 -21.53 -14.04 -7.49
C TYR B 154 -20.76 -13.74 -8.77
N VAL B 155 -20.68 -12.45 -9.09
CA VAL B 155 -19.93 -11.98 -10.26
C VAL B 155 -18.69 -11.27 -9.77
N LEU B 156 -17.53 -11.72 -10.23
CA LEU B 156 -16.28 -11.07 -9.88
C LEU B 156 -16.01 -9.92 -10.85
N PRO B 157 -15.54 -8.78 -10.36
CA PRO B 157 -15.44 -7.58 -11.20
C PRO B 157 -14.22 -7.58 -12.10
N VAL B 158 -14.38 -6.94 -13.24
CA VAL B 158 -13.24 -6.65 -14.12
C VAL B 158 -12.46 -5.48 -13.51
N PRO B 159 -11.14 -5.63 -13.30
CA PRO B 159 -10.36 -4.53 -12.70
C PRO B 159 -10.01 -3.48 -13.75
N PHE B 160 -10.39 -2.23 -13.48
CA PHE B 160 -10.03 -1.10 -14.32
C PHE B 160 -8.75 -0.49 -13.73
N GLN B 161 -7.61 -0.87 -14.28
CA GLN B 161 -6.30 -0.64 -13.67
C GLN B 161 -5.66 0.61 -14.28
N ASN B 162 -5.53 1.65 -13.47
CA ASN B 162 -4.91 2.90 -13.93
C ASN B 162 -3.41 2.71 -14.08
N VAL B 163 -2.91 2.86 -15.30
CA VAL B 163 -1.50 2.63 -15.57
C VAL B 163 -0.73 3.88 -16.00
N LEU B 164 -1.42 4.94 -16.40
CA LEU B 164 -0.75 6.17 -16.80
C LEU B 164 -1.63 7.36 -16.46
N ASN B 165 -1.02 8.43 -15.94
CA ASN B 165 -1.75 9.58 -15.44
C ASN B 165 -1.26 10.86 -16.11
N GLY B 166 -2.20 11.75 -16.39
CA GLY B 166 -1.93 13.06 -16.93
C GLY B 166 -2.68 14.13 -16.15
N GLY B 167 -3.00 15.22 -16.85
CA GLY B 167 -3.76 16.28 -16.24
C GLY B 167 -2.94 17.05 -15.22
N SER B 168 -3.57 17.37 -14.08
CA SER B 168 -2.91 18.10 -13.01
C SER B 168 -1.88 17.27 -12.26
N HIS B 169 -1.76 15.98 -12.57
CA HIS B 169 -0.82 15.09 -11.91
C HIS B 169 0.33 14.68 -12.84
N ALA B 170 0.63 15.51 -13.82
CA ALA B 170 1.73 15.25 -14.75
C ALA B 170 2.31 16.58 -15.20
N GLY B 171 3.46 16.50 -15.86
CA GLY B 171 4.18 17.69 -16.27
C GLY B 171 3.91 18.13 -17.69
N GLY B 172 3.42 17.22 -18.53
CA GLY B 172 3.14 17.54 -19.91
C GLY B 172 1.84 18.30 -20.09
N ARG B 173 1.52 18.54 -21.35
CA ARG B 173 0.28 19.23 -21.71
C ARG B 173 -0.93 18.30 -21.76
N LEU B 174 -0.75 17.02 -21.42
CA LEU B 174 -1.85 16.07 -21.45
C LEU B 174 -2.90 16.47 -20.42
N ALA B 175 -4.12 16.73 -20.89
CA ALA B 175 -5.20 17.20 -20.02
C ALA B 175 -5.96 16.07 -19.35
N PHE B 176 -6.07 14.91 -19.99
CA PHE B 176 -6.82 13.81 -19.42
C PHE B 176 -6.12 13.26 -18.19
N GLN B 177 -6.90 12.83 -17.20
CA GLN B 177 -6.33 12.49 -15.90
C GLN B 177 -5.87 11.05 -15.81
N GLU B 178 -6.72 10.09 -16.17
CA GLU B 178 -6.45 8.68 -15.93
C GLU B 178 -6.60 7.87 -17.20
N PHE B 179 -5.66 6.95 -17.42
CA PHE B 179 -5.69 6.02 -18.54
C PHE B 179 -5.57 4.61 -18.00
N MET B 180 -6.58 3.78 -18.23
CA MET B 180 -6.69 2.47 -17.62
C MET B 180 -6.71 1.38 -18.68
N ILE B 181 -6.34 0.17 -18.28
CA ILE B 181 -6.45 -1.02 -19.11
C ILE B 181 -7.56 -1.90 -18.54
N VAL B 182 -8.33 -2.52 -19.44
CA VAL B 182 -9.51 -3.28 -19.05
C VAL B 182 -9.36 -4.72 -19.53
N PRO B 183 -8.84 -5.63 -18.71
CA PRO B 183 -8.74 -7.04 -19.10
C PRO B 183 -10.06 -7.80 -18.94
N ASP B 184 -10.95 -7.63 -19.93
CA ASP B 184 -12.26 -8.24 -19.89
C ASP B 184 -12.35 -9.58 -20.60
N SER B 185 -11.44 -9.86 -21.53
CA SER B 185 -11.51 -11.10 -22.29
C SER B 185 -10.91 -12.31 -21.56
N ALA B 186 -10.28 -12.08 -20.41
CA ALA B 186 -9.67 -13.19 -19.68
C ALA B 186 -10.75 -14.14 -19.15
N PRO B 187 -10.44 -15.44 -19.07
CA PRO B 187 -11.46 -16.40 -18.60
C PRO B 187 -11.74 -16.31 -17.11
N SER B 188 -10.84 -15.73 -16.33
CA SER B 188 -11.00 -15.67 -14.88
C SER B 188 -10.52 -14.31 -14.39
N PHE B 189 -10.92 -13.98 -13.16
CA PHE B 189 -10.36 -12.80 -12.51
C PHE B 189 -8.87 -13.00 -12.24
N SER B 190 -8.47 -14.21 -11.85
CA SER B 190 -7.07 -14.49 -11.62
C SER B 190 -6.23 -14.27 -12.88
N GLU B 191 -6.71 -14.77 -14.03
CA GLU B 191 -5.99 -14.54 -15.28
C GLU B 191 -6.03 -13.08 -15.69
N ALA B 192 -7.13 -12.38 -15.42
CA ALA B 192 -7.20 -10.95 -15.72
C ALA B 192 -6.17 -10.16 -14.92
N LEU B 193 -5.85 -10.60 -13.70
CA LEU B 193 -4.84 -9.91 -12.91
C LEU B 193 -3.45 -10.13 -13.48
N ARG B 194 -3.11 -11.37 -13.84
CA ARG B 194 -1.79 -11.63 -14.39
C ARG B 194 -1.57 -10.88 -15.69
N GLN B 195 -2.60 -10.81 -16.53
CA GLN B 195 -2.51 -10.08 -17.80
C GLN B 195 -2.29 -8.60 -17.55
N GLY B 196 -3.06 -8.03 -16.63
CA GLY B 196 -2.86 -6.62 -16.29
C GLY B 196 -1.52 -6.36 -15.66
N ALA B 197 -1.06 -7.26 -14.79
CA ALA B 197 0.25 -7.09 -14.17
C ALA B 197 1.36 -7.11 -15.21
N GLU B 198 1.29 -8.06 -16.16
CA GLU B 198 2.32 -8.16 -17.18
C GLU B 198 2.32 -6.95 -18.11
N VAL B 199 1.14 -6.46 -18.48
CA VAL B 199 1.06 -5.28 -19.32
C VAL B 199 1.63 -4.06 -18.59
N TYR B 200 1.38 -3.97 -17.28
CA TYR B 200 1.89 -2.84 -16.51
C TYR B 200 3.43 -2.84 -16.49
N GLN B 201 4.05 -4.01 -16.39
CA GLN B 201 5.51 -4.06 -16.39
C GLN B 201 6.08 -3.66 -17.75
N LYS B 202 5.43 -4.06 -18.84
CA LYS B 202 5.87 -3.63 -20.16
C LYS B 202 5.71 -2.13 -20.33
N LEU B 203 4.66 -1.55 -19.75
CA LEU B 203 4.44 -0.11 -19.87
C LEU B 203 5.46 0.67 -19.07
N LYS B 204 5.76 0.24 -17.84
CA LYS B 204 6.73 0.95 -17.03
C LYS B 204 8.10 0.94 -17.70
N ALA B 205 8.47 -0.17 -18.32
CA ALA B 205 9.75 -0.23 -19.04
C ALA B 205 9.71 0.64 -20.29
N LEU B 206 8.55 0.74 -20.95
CA LEU B 206 8.44 1.63 -22.10
C LEU B 206 8.57 3.09 -21.68
N ALA B 207 7.90 3.48 -20.59
CA ALA B 207 7.99 4.86 -20.11
C ALA B 207 9.43 5.20 -19.74
N LYS B 208 10.17 4.24 -19.18
CA LYS B 208 11.56 4.47 -18.85
C LYS B 208 12.40 4.69 -20.10
N LYS B 209 12.24 3.81 -21.11
CA LYS B 209 13.07 3.88 -22.31
C LYS B 209 12.70 5.08 -23.17
N LYS B 210 11.45 5.50 -23.16
CA LYS B 210 11.00 6.58 -24.02
C LYS B 210 11.10 7.95 -23.37
N TYR B 211 10.92 8.04 -22.05
CA TYR B 211 10.86 9.34 -21.39
C TYR B 211 11.88 9.50 -20.26
N GLY B 212 12.73 8.52 -20.03
CA GLY B 212 13.75 8.63 -19.01
C GLY B 212 13.48 7.75 -17.81
N GLN B 213 14.53 7.54 -17.00
CA GLN B 213 14.42 6.66 -15.85
C GLN B 213 13.40 7.18 -14.84
N SER B 214 13.32 8.50 -14.66
CA SER B 214 12.37 9.08 -13.71
C SER B 214 10.93 8.86 -14.13
N ALA B 215 10.67 8.53 -15.40
CA ALA B 215 9.31 8.27 -15.83
C ALA B 215 8.71 7.03 -15.21
N GLY B 216 9.53 6.18 -14.58
CA GLY B 216 9.01 4.99 -13.94
C GLY B 216 8.49 5.18 -12.53
N ASN B 217 8.77 6.33 -11.91
CA ASN B 217 8.27 6.58 -10.57
C ASN B 217 6.75 6.75 -10.60
N VAL B 218 6.06 6.11 -9.65
CA VAL B 218 4.61 6.02 -9.70
C VAL B 218 3.97 7.24 -9.06
N GLY B 219 2.66 7.39 -9.27
CA GLY B 219 1.88 8.44 -8.65
C GLY B 219 1.10 7.93 -7.45
N ASP B 220 0.02 8.65 -7.13
CA ASP B 220 -0.78 8.29 -5.96
C ASP B 220 -1.44 6.93 -6.12
N GLU B 221 -1.87 6.60 -7.34
CA GLU B 221 -2.59 5.36 -7.59
C GLU B 221 -1.70 4.23 -8.09
N GLY B 222 -0.42 4.51 -8.33
CA GLY B 222 0.52 3.47 -8.74
C GLY B 222 0.89 3.49 -10.20
N GLY B 223 0.39 4.42 -10.99
CA GLY B 223 0.76 4.53 -12.38
C GLY B 223 1.87 5.54 -12.61
N VAL B 224 2.43 5.49 -13.81
CA VAL B 224 3.47 6.44 -14.18
C VAL B 224 2.82 7.71 -14.71
N ALA B 225 3.59 8.79 -14.76
CA ALA B 225 3.12 10.07 -15.28
C ALA B 225 4.29 10.84 -15.88
N PRO B 226 4.78 10.42 -17.04
CA PRO B 226 5.84 11.17 -17.73
C PRO B 226 5.27 12.39 -18.43
N ASP B 227 6.17 13.19 -19.02
CA ASP B 227 5.78 14.40 -19.74
C ASP B 227 5.19 13.99 -21.08
N ILE B 228 3.87 13.95 -21.16
CA ILE B 228 3.13 13.59 -22.36
C ILE B 228 2.27 14.77 -22.77
N GLN B 229 2.18 15.01 -24.07
CA GLN B 229 1.51 16.20 -24.61
C GLN B 229 0.10 15.94 -25.10
N THR B 230 -0.14 14.83 -25.80
CA THR B 230 -1.44 14.55 -26.38
C THR B 230 -2.00 13.25 -25.83
N ALA B 231 -3.32 13.09 -25.98
CA ALA B 231 -3.98 11.89 -25.51
C ALA B 231 -3.60 10.68 -26.35
N GLU B 232 -3.44 10.87 -27.66
CA GLU B 232 -3.02 9.76 -28.51
C GLU B 232 -1.61 9.29 -28.17
N GLU B 233 -0.75 10.21 -27.73
CA GLU B 233 0.60 9.81 -27.30
C GLU B 233 0.52 8.89 -26.09
N ALA B 234 -0.42 9.15 -25.18
CA ALA B 234 -0.61 8.26 -24.04
C ALA B 234 -1.26 6.95 -24.48
N LEU B 235 -2.24 7.01 -25.38
CA LEU B 235 -2.91 5.81 -25.85
C LEU B 235 -1.98 4.95 -26.71
N ASP B 236 -1.10 5.58 -27.50
CA ASP B 236 -0.14 4.82 -28.27
C ASP B 236 0.81 4.05 -27.36
N LEU B 237 1.24 4.68 -26.25
CA LEU B 237 2.15 4.02 -25.33
C LEU B 237 1.47 2.82 -24.65
N ILE B 238 0.20 2.97 -24.28
CA ILE B 238 -0.55 1.84 -23.74
C ILE B 238 -0.73 0.77 -24.81
N THR B 239 -1.01 1.19 -26.05
CA THR B 239 -1.14 0.24 -27.14
C THR B 239 0.14 -0.56 -27.34
N GLU B 240 1.29 0.11 -27.23
CA GLU B 240 2.57 -0.58 -27.41
C GLU B 240 2.84 -1.56 -26.27
N ALA B 241 2.41 -1.23 -25.06
CA ALA B 241 2.63 -2.12 -23.93
C ALA B 241 1.76 -3.37 -24.03
N ILE B 242 0.53 -3.22 -24.52
CA ILE B 242 -0.36 -4.37 -24.67
C ILE B 242 0.16 -5.32 -25.73
N GLU B 243 0.73 -4.79 -26.82
CA GLU B 243 1.26 -5.64 -27.87
C GLU B 243 2.49 -6.43 -27.40
N GLN B 244 3.39 -5.77 -26.67
CA GLN B 244 4.57 -6.47 -26.16
C GLN B 244 4.17 -7.64 -25.27
N ALA B 245 3.17 -7.45 -24.41
CA ALA B 245 2.72 -8.53 -23.55
C ALA B 245 1.94 -9.60 -24.31
N GLY B 246 1.62 -9.36 -25.59
CA GLY B 246 0.91 -10.33 -26.38
C GLY B 246 -0.56 -10.45 -26.08
N TYR B 247 -1.20 -9.37 -25.65
CA TYR B 247 -2.61 -9.39 -25.28
C TYR B 247 -3.44 -8.41 -26.11
N THR B 248 -2.96 -8.09 -27.31
CA THR B 248 -3.70 -7.21 -28.19
C THR B 248 -5.05 -7.83 -28.57
N GLY B 249 -6.11 -7.05 -28.42
CA GLY B 249 -7.45 -7.52 -28.69
C GLY B 249 -8.15 -8.16 -27.51
N LYS B 250 -7.40 -8.60 -26.50
CA LYS B 250 -7.98 -9.19 -25.31
C LYS B 250 -8.07 -8.21 -24.15
N ILE B 251 -7.46 -7.03 -24.27
CA ILE B 251 -7.44 -6.02 -23.21
C ILE B 251 -7.95 -4.70 -23.79
N LYS B 252 -8.88 -4.07 -23.10
CA LYS B 252 -9.49 -2.83 -23.53
C LYS B 252 -8.88 -1.64 -22.79
N ILE B 253 -9.38 -0.45 -23.09
CA ILE B 253 -8.86 0.79 -22.53
C ILE B 253 -10.01 1.60 -21.97
N ALA B 254 -9.79 2.21 -20.81
CA ALA B 254 -10.75 3.11 -20.19
C ALA B 254 -10.06 4.43 -19.89
N MET B 255 -10.87 5.47 -19.74
CA MET B 255 -10.36 6.79 -19.45
C MET B 255 -11.22 7.47 -18.39
N ASP B 256 -10.56 8.21 -17.51
CA ASP B 256 -11.22 9.13 -16.59
C ASP B 256 -10.68 10.52 -16.91
N VAL B 257 -11.46 11.29 -17.67
CA VAL B 257 -10.98 12.58 -18.15
C VAL B 257 -10.81 13.56 -16.99
N ALA B 258 -11.70 13.50 -16.00
CA ALA B 258 -11.76 14.50 -14.93
C ALA B 258 -11.82 15.90 -15.51
N SER B 259 -12.75 16.10 -16.45
CA SER B 259 -12.83 17.33 -17.23
C SER B 259 -13.27 18.54 -16.42
N SER B 260 -13.73 18.33 -15.18
CA SER B 260 -13.98 19.48 -14.32
C SER B 260 -12.72 20.25 -14.01
N GLU B 261 -11.55 19.64 -14.18
CA GLU B 261 -10.29 20.31 -13.91
C GLU B 261 -9.97 21.37 -14.95
N PHE B 262 -10.57 21.32 -16.14
CA PHE B 262 -10.22 22.27 -17.19
C PHE B 262 -11.45 22.80 -17.92
N TYR B 263 -12.57 22.95 -17.22
CA TYR B 263 -13.77 23.54 -17.79
C TYR B 263 -13.88 24.99 -17.29
N LYS B 264 -13.75 25.93 -18.24
CA LYS B 264 -13.94 27.35 -17.93
C LYS B 264 -15.43 27.65 -18.03
N ALA B 265 -16.09 27.73 -16.87
CA ALA B 265 -17.54 27.88 -16.84
C ALA B 265 -17.99 29.22 -17.41
N ASP B 266 -17.12 30.23 -17.39
CA ASP B 266 -17.51 31.56 -17.86
C ASP B 266 -17.75 31.61 -19.37
N VAL B 267 -17.17 30.69 -20.13
CA VAL B 267 -17.29 30.69 -21.58
C VAL B 267 -17.82 29.38 -22.14
N LYS B 268 -18.07 28.39 -21.28
CA LYS B 268 -18.56 27.07 -21.71
C LYS B 268 -17.59 26.44 -22.70
N LYS B 269 -16.29 26.55 -22.43
CA LYS B 269 -15.25 26.01 -23.29
C LYS B 269 -14.30 25.17 -22.46
N TYR B 270 -13.71 24.16 -23.10
CA TYR B 270 -12.78 23.24 -22.46
C TYR B 270 -11.36 23.52 -22.94
N ASP B 271 -10.43 23.61 -22.00
CA ASP B 271 -9.04 23.97 -22.29
C ASP B 271 -8.21 22.69 -22.22
N LEU B 272 -7.66 22.27 -23.36
CA LEU B 272 -6.78 21.11 -23.39
C LEU B 272 -5.35 21.44 -22.98
N ASP B 273 -5.08 22.68 -22.58
CA ASP B 273 -3.79 23.08 -22.03
C ASP B 273 -4.01 24.07 -20.89
N PHE B 274 -4.85 23.67 -19.94
CA PHE B 274 -5.25 24.53 -18.84
C PHE B 274 -4.09 24.90 -17.91
N GLU B 278 -0.97 27.45 -19.36
CA GLU B 278 -0.70 28.50 -20.34
C GLU B 278 -1.15 28.06 -21.73
N SER B 279 -2.29 28.59 -22.17
CA SER B 279 -2.95 28.14 -23.39
C SER B 279 -3.28 29.33 -24.28
N ASP B 280 -3.87 29.03 -25.44
CA ASP B 280 -4.42 29.97 -26.39
C ASP B 280 -5.94 29.99 -26.26
N PRO B 281 -6.59 31.08 -26.69
CA PRO B 281 -8.06 31.16 -26.59
C PRO B 281 -8.82 30.68 -27.81
N SER B 282 -8.13 30.21 -28.86
CA SER B 282 -8.80 29.75 -30.08
C SER B 282 -8.99 28.25 -30.13
N LYS B 283 -8.15 27.48 -29.45
CA LYS B 283 -8.26 26.03 -29.42
C LYS B 283 -9.19 25.53 -28.32
N TRP B 284 -9.71 26.43 -27.49
CA TRP B 284 -10.63 26.05 -26.43
C TRP B 284 -11.86 25.38 -27.02
N LEU B 285 -12.10 24.12 -26.62
CA LEU B 285 -13.09 23.28 -27.28
C LEU B 285 -14.48 23.49 -26.67
N THR B 286 -15.47 23.68 -27.53
CA THR B 286 -16.84 23.54 -27.11
C THR B 286 -17.12 22.06 -26.80
N TYR B 287 -18.26 21.80 -26.16
CA TYR B 287 -18.56 20.40 -25.86
C TYR B 287 -18.87 19.61 -27.12
N GLU B 288 -19.29 20.28 -28.20
CA GLU B 288 -19.42 19.59 -29.48
C GLU B 288 -18.07 19.23 -30.05
N GLN B 289 -17.08 20.12 -29.89
CA GLN B 289 -15.73 19.83 -30.38
C GLN B 289 -15.03 18.80 -29.50
N LEU B 290 -15.26 18.87 -28.18
CA LEU B 290 -14.64 17.90 -27.29
C LEU B 290 -15.22 16.50 -27.51
N ALA B 291 -16.51 16.42 -27.83
CA ALA B 291 -17.12 15.12 -28.10
C ALA B 291 -16.56 14.51 -29.38
N ASP B 292 -16.24 15.34 -30.37
CA ASP B 292 -15.65 14.84 -31.61
C ASP B 292 -14.30 14.19 -31.34
N LEU B 293 -13.52 14.75 -30.42
CA LEU B 293 -12.24 14.15 -30.09
C LEU B 293 -12.43 12.81 -29.37
N TYR B 294 -13.42 12.72 -28.47
CA TYR B 294 -13.74 11.45 -27.84
C TYR B 294 -14.18 10.42 -28.88
N LYS B 295 -15.11 10.83 -29.76
CA LYS B 295 -15.58 9.92 -30.81
C LYS B 295 -14.43 9.48 -31.70
N SER B 296 -13.50 10.37 -32.00
CA SER B 296 -12.38 10.00 -32.86
C SER B 296 -11.46 9.01 -32.15
N LEU B 297 -11.20 9.22 -30.85
CA LEU B 297 -10.35 8.30 -30.10
C LEU B 297 -11.03 6.95 -29.95
N ALA B 298 -12.34 6.92 -29.76
CA ALA B 298 -13.04 5.66 -29.56
C ALA B 298 -13.15 4.87 -30.86
N ALA B 299 -13.12 5.54 -32.00
CA ALA B 299 -13.12 4.85 -33.28
C ALA B 299 -11.74 4.35 -33.69
N LYS B 300 -10.68 4.78 -33.00
CA LYS B 300 -9.33 4.35 -33.31
C LYS B 300 -8.76 3.38 -32.29
N TYR B 301 -8.98 3.64 -31.00
CA TYR B 301 -8.48 2.77 -29.94
C TYR B 301 -9.62 2.00 -29.28
N PRO B 302 -9.35 0.81 -28.71
CA PRO B 302 -10.42 0.05 -28.06
C PRO B 302 -10.88 0.67 -26.75
N ILE B 303 -11.46 1.86 -26.83
CA ILE B 303 -11.94 2.57 -25.65
C ILE B 303 -13.39 2.15 -25.41
N VAL B 304 -13.64 1.43 -24.31
CA VAL B 304 -14.97 0.93 -23.99
C VAL B 304 -15.62 1.66 -22.84
N SER B 305 -14.90 2.59 -22.19
CA SER B 305 -15.46 3.31 -21.05
C SER B 305 -14.75 4.64 -20.91
N ILE B 306 -15.53 5.71 -20.73
CA ILE B 306 -15.01 7.05 -20.50
C ILE B 306 -15.74 7.63 -19.29
N GLU B 307 -14.96 8.10 -18.32
CA GLU B 307 -15.50 8.65 -17.08
C GLU B 307 -15.33 10.16 -17.07
N ASP B 308 -16.37 10.85 -16.59
CA ASP B 308 -16.40 12.31 -16.51
C ASP B 308 -15.91 13.00 -17.80
N PRO B 309 -16.49 12.68 -18.96
CA PRO B 309 -16.06 13.36 -20.19
C PRO B 309 -16.40 14.83 -20.21
N PHE B 310 -17.38 15.27 -19.42
CA PHE B 310 -17.78 16.66 -19.36
C PHE B 310 -17.99 17.06 -17.90
N ALA B 311 -18.08 18.37 -17.68
CA ALA B 311 -17.99 18.91 -16.33
C ALA B 311 -19.11 18.37 -15.43
N GLU B 312 -18.91 18.55 -14.13
CA GLU B 312 -19.84 18.01 -13.13
C GLU B 312 -21.23 18.64 -13.22
N ASP B 313 -21.36 19.83 -13.82
CA ASP B 313 -22.65 20.48 -13.96
C ASP B 313 -22.96 20.84 -15.42
N ASP B 314 -22.26 20.20 -16.36
CA ASP B 314 -22.50 20.44 -17.78
C ASP B 314 -23.46 19.38 -18.32
N TRP B 315 -24.68 19.43 -17.79
CA TRP B 315 -25.67 18.39 -18.08
C TRP B 315 -26.00 18.34 -19.57
N GLU B 316 -26.00 19.49 -20.24
CA GLU B 316 -26.33 19.51 -21.66
C GLU B 316 -25.28 18.77 -22.48
N ALA B 317 -24.01 18.87 -22.08
CA ALA B 317 -22.94 18.17 -22.79
C ALA B 317 -23.06 16.66 -22.62
N TRP B 318 -23.34 16.21 -21.40
CA TRP B 318 -23.49 14.78 -21.15
C TRP B 318 -24.59 14.18 -22.02
N SER B 319 -25.78 14.80 -22.01
CA SER B 319 -26.89 14.30 -22.81
C SER B 319 -26.56 14.31 -24.30
N TYR B 320 -25.82 15.33 -24.75
CA TYR B 320 -25.38 15.37 -26.14
C TYR B 320 -24.45 14.21 -26.45
N PHE B 321 -23.59 13.84 -25.51
CA PHE B 321 -22.64 12.74 -25.70
C PHE B 321 -23.32 11.39 -25.57
N TYR B 322 -24.28 11.29 -24.64
CA TYR B 322 -24.97 10.02 -24.40
C TYR B 322 -25.77 9.57 -25.61
N LYS B 323 -26.29 10.51 -26.40
CA LYS B 323 -27.23 10.16 -27.46
C LYS B 323 -26.56 9.37 -28.58
N THR B 324 -25.25 9.54 -28.77
CA THR B 324 -24.57 8.96 -29.92
C THR B 324 -23.53 7.89 -29.55
N SER B 325 -23.32 7.63 -28.27
CA SER B 325 -22.24 6.77 -27.82
C SER B 325 -22.75 5.41 -27.38
N ASP B 326 -22.16 4.35 -27.92
CA ASP B 326 -22.48 2.99 -27.50
C ASP B 326 -21.58 2.47 -26.39
N PHE B 327 -20.47 3.16 -26.10
CA PHE B 327 -19.58 2.74 -25.04
C PHE B 327 -20.11 3.21 -23.68
N GLN B 328 -19.39 2.87 -22.62
CA GLN B 328 -19.83 3.22 -21.27
C GLN B 328 -19.46 4.66 -20.95
N ILE B 329 -20.40 5.41 -20.38
CA ILE B 329 -20.19 6.80 -19.99
C ILE B 329 -20.39 6.86 -18.48
N VAL B 330 -19.28 6.98 -17.74
CA VAL B 330 -19.28 6.87 -16.30
C VAL B 330 -19.32 8.25 -15.68
N GLY B 331 -20.25 8.46 -14.74
CA GLY B 331 -20.32 9.68 -13.96
C GLY B 331 -19.62 9.51 -12.62
N ASP B 332 -18.83 10.52 -12.25
CA ASP B 332 -18.17 10.54 -10.95
C ASP B 332 -18.43 11.86 -10.24
N ASP B 333 -17.76 12.94 -10.67
CA ASP B 333 -18.07 14.26 -10.16
C ASP B 333 -19.46 14.73 -10.57
N LEU B 334 -20.02 14.15 -11.63
CA LEU B 334 -21.39 14.48 -12.02
C LEU B 334 -22.39 13.93 -11.03
N THR B 335 -22.14 12.71 -10.53
CA THR B 335 -23.09 11.97 -9.71
C THR B 335 -22.77 11.99 -8.23
N VAL B 336 -21.48 12.15 -7.86
CA VAL B 336 -20.97 12.08 -6.48
C VAL B 336 -21.71 11.07 -5.63
N THR B 337 -22.05 9.91 -6.21
CA THR B 337 -22.72 8.82 -5.51
C THR B 337 -23.97 9.32 -4.77
N ASN B 338 -24.64 10.30 -5.35
CA ASN B 338 -25.79 10.95 -4.72
C ASN B 338 -27.06 10.56 -5.45
N PRO B 339 -28.00 9.86 -4.81
CA PRO B 339 -29.23 9.47 -5.52
C PRO B 339 -30.00 10.63 -6.12
N GLY B 340 -29.89 11.83 -5.55
CA GLY B 340 -30.53 12.98 -6.15
C GLY B 340 -29.92 13.35 -7.49
N ARG B 341 -28.58 13.38 -7.55
CA ARG B 341 -27.91 13.64 -8.81
C ARG B 341 -28.14 12.50 -9.80
N ILE B 342 -28.22 11.27 -9.30
CA ILE B 342 -28.45 10.11 -10.17
C ILE B 342 -29.83 10.20 -10.81
N LYS B 343 -30.84 10.56 -10.02
CA LYS B 343 -32.18 10.71 -10.58
C LYS B 343 -32.21 11.77 -11.66
N LYS B 344 -31.50 12.89 -11.46
CA LYS B 344 -31.42 13.92 -12.48
C LYS B 344 -30.66 13.43 -13.71
N ALA B 345 -29.57 12.69 -13.49
CA ALA B 345 -28.82 12.15 -14.63
C ALA B 345 -29.65 11.13 -15.42
N ILE B 346 -30.52 10.38 -14.73
CA ILE B 346 -31.40 9.45 -15.44
C ILE B 346 -32.42 10.21 -16.27
N GLU B 347 -33.10 11.19 -15.65
CA GLU B 347 -34.16 11.93 -16.33
C GLU B 347 -33.64 12.68 -17.55
N LEU B 348 -32.40 13.16 -17.51
CA LEU B 348 -31.81 13.88 -18.62
C LEU B 348 -31.01 13.01 -19.56
N LYS B 349 -30.90 11.70 -19.29
CA LYS B 349 -30.16 10.76 -20.12
C LYS B 349 -28.72 11.24 -20.31
N SER B 350 -28.05 11.48 -19.19
CA SER B 350 -26.72 12.07 -19.21
C SER B 350 -25.59 11.05 -19.18
N CYS B 351 -25.73 9.96 -18.43
CA CYS B 351 -24.72 8.92 -18.38
C CYS B 351 -25.39 7.55 -18.27
N ASN B 352 -24.59 6.50 -18.41
CA ASN B 352 -25.09 5.13 -18.30
C ASN B 352 -24.31 4.31 -17.29
N ALA B 353 -23.52 4.94 -16.43
CA ALA B 353 -22.76 4.21 -15.42
C ALA B 353 -22.45 5.12 -14.26
N LEU B 354 -22.36 4.53 -13.07
CA LEU B 354 -22.09 5.25 -11.84
C LEU B 354 -20.77 4.76 -11.24
N LEU B 355 -19.87 5.71 -10.98
CA LEU B 355 -18.67 5.43 -10.21
C LEU B 355 -19.03 5.56 -8.73
N LEU B 356 -19.03 4.44 -8.01
CA LEU B 356 -19.53 4.39 -6.64
C LEU B 356 -18.39 4.62 -5.66
N LYS B 357 -18.38 5.78 -5.02
CA LYS B 357 -17.45 6.11 -3.93
C LYS B 357 -18.27 6.22 -2.64
N VAL B 358 -18.13 5.21 -1.77
CA VAL B 358 -18.97 5.14 -0.56
C VAL B 358 -18.80 6.36 0.32
N ASN B 359 -17.59 6.94 0.38
CA ASN B 359 -17.39 8.10 1.23
C ASN B 359 -17.88 9.40 0.58
N GLN B 360 -18.41 9.34 -0.64
CA GLN B 360 -19.04 10.50 -1.26
C GLN B 360 -20.46 10.73 -0.75
N ILE B 361 -21.06 9.70 -0.14
CA ILE B 361 -22.43 9.78 0.35
C ILE B 361 -22.51 9.58 1.86
N GLY B 362 -21.66 8.73 2.42
CA GLY B 362 -21.44 8.67 3.86
C GLY B 362 -21.85 7.39 4.56
N THR B 363 -22.77 6.59 4.01
CA THR B 363 -23.18 5.35 4.64
C THR B 363 -23.21 4.24 3.61
N LEU B 364 -23.18 3.01 4.10
CA LEU B 364 -23.27 1.86 3.20
C LEU B 364 -24.68 1.72 2.64
N THR B 365 -25.70 1.99 3.46
CA THR B 365 -27.08 1.87 2.98
C THR B 365 -27.34 2.84 1.83
N GLU B 366 -26.98 4.11 2.01
CA GLU B 366 -27.14 5.07 0.93
C GLU B 366 -26.28 4.71 -0.28
N SER B 367 -25.12 4.10 -0.06
CA SER B 367 -24.30 3.63 -1.18
C SER B 367 -24.99 2.51 -1.94
N ILE B 368 -25.60 1.57 -1.22
CA ILE B 368 -26.33 0.48 -1.87
C ILE B 368 -27.52 1.03 -2.62
N GLN B 369 -28.23 1.99 -2.02
CA GLN B 369 -29.39 2.60 -2.67
C GLN B 369 -28.99 3.32 -3.95
N ALA B 370 -27.83 3.98 -3.93
CA ALA B 370 -27.34 4.62 -5.15
C ALA B 370 -27.07 3.61 -6.24
N ALA B 371 -26.54 2.44 -5.88
CA ALA B 371 -26.31 1.39 -6.87
C ALA B 371 -27.63 0.83 -7.38
N LYS B 372 -28.62 0.67 -6.50
CA LYS B 372 -29.91 0.14 -6.93
C LYS B 372 -30.63 1.11 -7.87
N ASP B 373 -30.55 2.40 -7.56
CA ASP B 373 -31.15 3.40 -8.45
C ASP B 373 -30.49 3.38 -9.82
N SER B 374 -29.18 3.11 -9.88
CA SER B 374 -28.50 3.02 -11.16
C SER B 374 -28.90 1.75 -11.91
N TYR B 375 -28.97 0.62 -11.22
CA TYR B 375 -29.40 -0.62 -11.85
C TYR B 375 -30.80 -0.50 -12.43
N ALA B 376 -31.67 0.29 -11.79
CA ALA B 376 -33.03 0.45 -12.28
C ALA B 376 -33.10 1.11 -13.65
N ASP B 377 -32.04 1.82 -14.06
CA ASP B 377 -31.94 2.41 -15.39
C ASP B 377 -30.95 1.65 -16.27
N ASN B 378 -30.66 0.39 -15.94
CA ASN B 378 -29.72 -0.44 -16.69
C ASN B 378 -28.34 0.22 -16.78
N TRP B 379 -27.95 0.90 -15.70
CA TRP B 379 -26.61 1.45 -15.63
C TRP B 379 -25.60 0.36 -15.23
N GLY B 380 -24.34 0.63 -15.55
CA GLY B 380 -23.26 -0.10 -14.93
C GLY B 380 -22.84 0.58 -13.64
N VAL B 381 -22.26 -0.20 -12.73
CA VAL B 381 -21.76 0.33 -11.48
C VAL B 381 -20.30 -0.10 -11.34
N MET B 382 -19.40 0.87 -11.22
CA MET B 382 -17.98 0.63 -11.02
C MET B 382 -17.64 1.10 -9.61
N VAL B 383 -17.51 0.16 -8.68
CA VAL B 383 -17.07 0.50 -7.33
C VAL B 383 -15.65 1.00 -7.38
N SER B 384 -15.41 2.16 -6.78
CA SER B 384 -14.13 2.85 -6.92
C SER B 384 -13.47 3.07 -5.56
N HIS B 385 -12.17 3.29 -5.63
CA HIS B 385 -11.36 3.72 -4.50
C HIS B 385 -11.29 5.24 -4.49
N ARG B 386 -10.57 5.79 -3.51
CA ARG B 386 -10.19 7.20 -3.51
C ARG B 386 -8.69 7.31 -3.74
N SER B 387 -8.26 8.53 -4.12
CA SER B 387 -6.84 8.76 -4.34
C SER B 387 -6.04 8.57 -3.06
N GLY B 388 -6.66 8.79 -1.90
CA GLY B 388 -6.05 8.43 -0.64
C GLY B 388 -6.69 7.18 -0.08
N GLU B 389 -6.02 6.03 -0.22
CA GLU B 389 -6.55 4.76 0.24
C GLU B 389 -5.76 4.24 1.44
N THR B 390 -6.24 3.13 1.99
CA THR B 390 -5.57 2.48 3.11
C THR B 390 -5.43 0.99 2.86
N GLU B 391 -5.00 0.23 3.87
CA GLU B 391 -4.96 -1.21 3.77
C GLU B 391 -6.34 -1.85 3.91
N ASP B 392 -7.37 -1.06 4.17
CA ASP B 392 -8.73 -1.57 4.23
C ASP B 392 -9.16 -2.07 2.85
N VAL B 393 -9.90 -3.18 2.82
CA VAL B 393 -10.28 -3.83 1.57
C VAL B 393 -11.80 -3.93 1.43
N THR B 394 -12.53 -3.01 2.06
CA THR B 394 -13.98 -3.12 2.09
C THR B 394 -14.58 -3.05 0.70
N ILE B 395 -14.05 -2.19 -0.18
CA ILE B 395 -14.66 -2.03 -1.50
C ILE B 395 -14.52 -3.29 -2.34
N ALA B 396 -13.58 -4.17 -2.01
CA ALA B 396 -13.49 -5.45 -2.72
C ALA B 396 -14.74 -6.30 -2.46
N ASP B 397 -15.17 -6.38 -1.20
CA ASP B 397 -16.42 -7.07 -0.89
C ASP B 397 -17.63 -6.31 -1.40
N ILE B 398 -17.53 -4.98 -1.51
CA ILE B 398 -18.65 -4.21 -2.01
C ILE B 398 -18.90 -4.52 -3.49
N ALA B 399 -17.84 -4.52 -4.30
CA ALA B 399 -17.98 -4.81 -5.72
C ALA B 399 -18.54 -6.21 -5.95
N VAL B 400 -18.11 -7.18 -5.14
CA VAL B 400 -18.64 -8.54 -5.27
C VAL B 400 -20.08 -8.60 -4.79
N GLY B 401 -20.36 -7.99 -3.63
CA GLY B 401 -21.70 -8.05 -3.08
C GLY B 401 -22.75 -7.33 -3.91
N LEU B 402 -22.35 -6.27 -4.62
CA LEU B 402 -23.28 -5.53 -5.46
C LEU B 402 -23.45 -6.14 -6.84
N ARG B 403 -22.73 -7.23 -7.13
CA ARG B 403 -22.77 -7.86 -8.45
C ARG B 403 -22.47 -6.84 -9.55
N SER B 404 -21.52 -5.95 -9.27
CA SER B 404 -21.28 -4.82 -10.16
C SER B 404 -20.47 -5.21 -11.40
N GLY B 405 -19.61 -6.23 -11.28
CA GLY B 405 -18.77 -6.63 -12.39
C GLY B 405 -17.68 -5.66 -12.78
N GLN B 406 -17.59 -4.51 -12.11
CA GLN B 406 -16.56 -3.51 -12.41
C GLN B 406 -16.00 -2.98 -11.11
N ILE B 407 -14.67 -2.95 -11.00
CA ILE B 407 -14.01 -2.32 -9.87
C ILE B 407 -12.86 -1.47 -10.40
N LYS B 408 -12.63 -0.34 -9.73
CA LYS B 408 -11.56 0.59 -10.10
C LYS B 408 -10.78 0.91 -8.84
N THR B 409 -9.61 0.28 -8.68
CA THR B 409 -8.83 0.43 -7.46
C THR B 409 -7.34 0.56 -7.76
N GLY B 410 -7.01 1.24 -8.86
CA GLY B 410 -5.65 1.66 -9.11
C GLY B 410 -4.84 0.69 -9.94
N ALA B 411 -3.55 1.04 -10.05
CA ALA B 411 -2.59 0.20 -10.74
C ALA B 411 -2.33 -1.09 -9.96
N PRO B 412 -1.75 -2.13 -10.63
CA PRO B 412 -1.18 -3.28 -9.93
C PRO B 412 0.12 -2.93 -9.24
N CYS B 413 0.09 -1.87 -8.45
CA CYS B 413 1.27 -1.30 -7.79
C CYS B 413 0.78 -0.45 -6.62
N ARG B 414 1.59 -0.40 -5.56
CA ARG B 414 1.21 0.17 -4.25
C ARG B 414 0.14 -0.70 -3.61
N SER B 415 0.37 -1.12 -2.35
CA SER B 415 -0.49 -2.11 -1.72
C SER B 415 -1.85 -1.57 -1.28
N GLU B 416 -2.02 -0.25 -1.17
CA GLU B 416 -3.37 0.26 -0.94
C GLU B 416 -4.26 0.01 -2.15
N ARG B 417 -3.68 -0.32 -3.30
CA ARG B 417 -4.42 -0.68 -4.49
C ARG B 417 -4.56 -2.19 -4.61
N LEU B 418 -3.45 -2.91 -4.45
CA LEU B 418 -3.45 -4.35 -4.69
C LEU B 418 -4.09 -5.16 -3.57
N ALA B 419 -4.14 -4.63 -2.35
CA ALA B 419 -4.82 -5.36 -1.28
C ALA B 419 -6.26 -5.63 -1.63
N LYS B 420 -6.91 -4.72 -2.36
CA LYS B 420 -8.26 -4.97 -2.85
C LYS B 420 -8.26 -6.14 -3.84
N LEU B 421 -7.31 -6.15 -4.78
CA LEU B 421 -7.25 -7.21 -5.77
C LEU B 421 -6.88 -8.55 -5.13
N ASN B 422 -5.98 -8.53 -4.15
CA ASN B 422 -5.64 -9.76 -3.44
C ASN B 422 -6.86 -10.32 -2.72
N GLN B 423 -7.72 -9.44 -2.18
CA GLN B 423 -8.91 -9.90 -1.50
C GLN B 423 -9.87 -10.59 -2.45
N ILE B 424 -10.02 -10.06 -3.66
CA ILE B 424 -10.88 -10.72 -4.65
C ILE B 424 -10.28 -12.06 -5.07
N LEU B 425 -8.95 -12.16 -5.11
CA LEU B 425 -8.32 -13.46 -5.34
C LEU B 425 -8.72 -14.46 -4.27
N ARG B 426 -8.77 -14.01 -3.01
CA ARG B 426 -9.21 -14.89 -1.93
C ARG B 426 -10.69 -15.21 -2.05
N ILE B 427 -11.49 -14.22 -2.46
CA ILE B 427 -12.91 -14.47 -2.71
C ILE B 427 -13.09 -15.42 -3.88
N GLU B 428 -12.32 -15.21 -4.96
CA GLU B 428 -12.39 -16.11 -6.12
C GLU B 428 -12.07 -17.55 -5.71
N GLU B 429 -10.99 -17.74 -4.96
CA GLU B 429 -10.62 -19.09 -4.52
C GLU B 429 -11.65 -19.67 -3.55
N GLU B 430 -12.26 -18.82 -2.71
CA GLU B 430 -13.22 -19.31 -1.73
C GLU B 430 -14.52 -19.75 -2.40
N LEU B 431 -14.98 -19.00 -3.40
CA LEU B 431 -16.28 -19.31 -4.00
C LEU B 431 -16.18 -20.43 -5.02
N GLY B 432 -15.10 -20.47 -5.80
CA GLY B 432 -14.93 -21.47 -6.84
C GLY B 432 -16.00 -21.43 -7.92
N GLU B 433 -16.80 -22.49 -7.98
CA GLU B 433 -17.86 -22.56 -8.98
C GLU B 433 -19.01 -21.60 -8.70
N ASN B 434 -19.21 -21.21 -7.44
CA ASN B 434 -20.24 -20.27 -7.03
C ASN B 434 -19.91 -18.81 -7.44
N ALA B 435 -18.88 -18.60 -8.25
CA ALA B 435 -18.52 -17.27 -8.73
C ALA B 435 -18.10 -17.35 -10.19
N VAL B 436 -18.51 -16.35 -10.98
CA VAL B 436 -18.16 -16.26 -12.37
C VAL B 436 -17.52 -14.90 -12.63
N TYR B 437 -16.57 -14.88 -13.56
CA TYR B 437 -15.94 -13.62 -13.94
C TYR B 437 -16.87 -12.82 -14.84
N ALA B 438 -16.88 -11.49 -14.63
CA ALA B 438 -17.79 -10.64 -15.38
C ALA B 438 -17.50 -10.68 -16.87
N GLY B 439 -16.23 -10.67 -17.25
CA GLY B 439 -15.89 -10.74 -18.65
C GLY B 439 -16.31 -9.50 -19.41
N SER B 440 -16.65 -9.69 -20.68
CA SER B 440 -17.07 -8.59 -21.53
C SER B 440 -18.45 -8.07 -21.18
N LYS B 441 -19.18 -8.75 -20.29
CA LYS B 441 -20.51 -8.33 -19.86
C LYS B 441 -20.48 -7.47 -18.60
N PHE B 442 -19.42 -6.68 -18.40
CA PHE B 442 -19.29 -5.92 -17.16
C PHE B 442 -20.31 -4.80 -17.06
N ARG B 443 -20.79 -4.28 -18.19
CA ARG B 443 -21.80 -3.23 -18.16
C ARG B 443 -23.17 -3.74 -17.73
N THR B 444 -23.38 -5.06 -17.69
CA THR B 444 -24.66 -5.64 -17.32
C THR B 444 -24.48 -6.82 -16.37
N ALA B 445 -23.45 -6.77 -15.51
CA ALA B 445 -23.12 -7.91 -14.68
C ALA B 445 -24.19 -8.22 -13.64
N VAL B 446 -24.94 -7.20 -13.21
CA VAL B 446 -25.95 -7.40 -12.19
C VAL B 446 -27.06 -8.34 -12.68
N ASN B 447 -27.26 -8.45 -13.99
CA ASN B 447 -28.23 -9.35 -14.58
C ASN B 447 -27.58 -10.48 -15.36
N LEU B 448 -26.26 -10.63 -15.27
CA LEU B 448 -25.54 -11.68 -15.96
C LEU B 448 -26.05 -13.06 -15.57
MG MG C . 19.64 -2.14 3.01
C1 2PG D . 17.26 -2.62 2.05
C2 2PG D . 15.84 -3.09 1.74
C3 2PG D . 14.81 -2.28 2.54
P 2PG D . 15.60 -4.36 -0.51
O1 2PG D . 18.13 -2.63 1.14
O2 2PG D . 17.56 -2.24 3.22
O3 2PG D . 14.96 -0.91 2.27
O1P 2PG D . 15.62 -2.97 0.37
O2P 2PG D . 15.47 -4.04 -1.98
O3P 2PG D . 14.45 -5.22 -0.07
O4P 2PG D . 16.90 -5.11 -0.28
MG MG E . -12.88 10.51 -11.72
MG MG F . -11.06 14.65 -9.22
C1 PEP G . -11.41 9.45 -9.33
O1 PEP G . -12.18 8.57 -9.80
O2' PEP G . -11.33 10.57 -9.90
C2 PEP G . -10.59 9.17 -8.07
C3 PEP G . -10.66 8.00 -7.49
O2 PEP G . -9.79 10.18 -7.52
P PEP G . -10.33 10.99 -6.20
O1P PEP G . -10.68 10.01 -5.11
O2P PEP G . -9.26 11.94 -5.70
O3P PEP G . -11.57 11.78 -6.57
#